data_5X2H
#
_entry.id   5X2H
#
_cell.length_a   102.039
_cell.length_b   103.911
_cell.length_c   134.458
_cell.angle_alpha   90.00
_cell.angle_beta   90.00
_cell.angle_gamma   90.00
#
_symmetry.space_group_name_H-M   'P 21 21 21'
#
loop_
_entity.id
_entity.type
_entity.pdbx_description
1 polymer 'CRISPR-associated endonuclease Cas9'
2 polymer sgRNA
3 polymer 'Target DNA strand'
4 polymer 'Non-target DNA strand'
5 non-polymer 1,2-ETHANEDIOL
6 water water
#
loop_
_entity_poly.entity_id
_entity_poly.type
_entity_poly.pdbx_seq_one_letter_code
_entity_poly.pdbx_strand_id
1 'polypeptide(L)'
;SSGSGHMARILAFDIGISSIGWAFSENDELKDCGVRIFTKVENPKTGESLALPRRLARSARKRLARRKARLNHLKHLIAN
EFKLNYEDYQSFDESLAKAYKGSLISPYELRFRALNELLSKQDFARVILHIAKRRGYDDIKNSDDKEKGAILKAIKQNEE
KLANYQSVGEYLYKEYFQKFKENSKEFTNVRNKKESYERCIAQSFLKDELKLIFKKQREFGFSFSKKFEEEVLSVAFYKR
ALKDFSHLVGNCSFFTDEKRAPKNSPLAFMFVALTRIINLLNNLKNTEGILYTKDDLNALLNEVLKNGTLTYKQTKKLLG
LSDDYEFKGEKGTYFIEFKKYKEFIKALGEHNLSQDDLNEIAKDITLIKDEIKLKKALAKYDLNQNQIDSLSKLEFKDHL
NISFKALKLVTPLMLEGKKYDEACNELNLKVAINEDKKDFLPAFNETYYKDEVTNPVVLRAIKEYRKVLNALLKKYGKVH
KINIELGGGSGGYIARLVLNYTKDYLDFLPLSDDENTKLNDTQKGSKVHVEAKSGMLTSALRHTWGFSAKDRNNHLHHAI
DAVIIAYANNSIVKAFSDFKKEQESNSAELYAKKISELDYKNKRKFFEPFSGFRQKVLDKIDEIFVSKPERKKPSGALHE
ETFRKEEEFYQSYGGKEGVLKALELGKIRKVNGKIVKNGDMFRVDIFKHKKTNKFYAVPIYTMDFALKVLPNKAVARSKK
GEIKDWILMDENYEFCFSLYKDSLILIQTKDMQEPEFVYYNAFTSSTVSLIVSKHDNKFETLSKNQKILFKNANEKEVIA
KSIGIQNLKVFEKYIVSALGEVTKAEFRQREDFKK
;
A
2 'polyribonucleotide'
;GGAAAUUAGGUGCGCUUGGCGUUUUAGUCCCUGAAAAGGGACUAAAAUAAAGAGUUUGCGGGACUCUGCGGGGUUACAAU
CCCCUAAAACCGC
;
B
3 'polydeoxyribonucleotide'
;(DC)(DT)(DG)(DT)(DT)(DT)(DC)(DT)(DG)(DC)(DC)(DA)(DA)(DG)(DC)(DG)(DC)(DA)(DC)(DC)
(DT)(DA)(DA)(DT)(DT)(DT)(DC)(DC)
;
C
4 'polydeoxyribonucleotide' (DA)(DG)(DA)(DA)(DA)(DC)(DA)(DG) D
#
loop_
_chem_comp.id
_chem_comp.type
_chem_comp.name
_chem_comp.formula
A RNA linking ADENOSINE-5'-MONOPHOSPHATE 'C10 H14 N5 O7 P'
C RNA linking CYTIDINE-5'-MONOPHOSPHATE 'C9 H14 N3 O8 P'
DA DNA linking 2'-DEOXYADENOSINE-5'-MONOPHOSPHATE 'C10 H14 N5 O6 P'
DC DNA linking 2'-DEOXYCYTIDINE-5'-MONOPHOSPHATE 'C9 H14 N3 O7 P'
DG DNA linking 2'-DEOXYGUANOSINE-5'-MONOPHOSPHATE 'C10 H14 N5 O7 P'
DT DNA linking THYMIDINE-5'-MONOPHOSPHATE 'C10 H15 N2 O8 P'
EDO non-polymer 1,2-ETHANEDIOL 'C2 H6 O2'
G RNA linking GUANOSINE-5'-MONOPHOSPHATE 'C10 H14 N5 O8 P'
U RNA linking URIDINE-5'-MONOPHOSPHATE 'C9 H13 N2 O9 P'
#
# COMPACT_ATOMS: atom_id res chain seq x y z
N MET A 7 -14.66 32.28 -29.78
CA MET A 7 -14.93 31.10 -28.97
C MET A 7 -13.65 30.52 -28.40
N ALA A 8 -13.02 31.26 -27.48
CA ALA A 8 -11.81 30.80 -26.79
C ALA A 8 -12.24 29.96 -25.60
N ARG A 9 -12.37 28.66 -25.83
CA ARG A 9 -12.91 27.73 -24.84
C ARG A 9 -11.78 27.16 -24.00
N ILE A 10 -11.88 27.33 -22.68
CA ILE A 10 -10.83 26.95 -21.74
C ILE A 10 -11.44 26.15 -20.61
N LEU A 11 -10.79 25.04 -20.24
CA LEU A 11 -11.13 24.28 -19.05
C LEU A 11 -9.95 24.36 -18.09
N ALA A 12 -10.21 24.81 -16.87
CA ALA A 12 -9.18 24.95 -15.86
C ALA A 12 -9.48 24.03 -14.68
N PHE A 13 -8.43 23.44 -14.11
CA PHE A 13 -8.57 22.45 -13.05
C PHE A 13 -7.62 22.78 -11.90
N ASP A 14 -8.15 22.75 -10.68
CA ASP A 14 -7.37 22.86 -9.44
C ASP A 14 -7.39 21.47 -8.81
N ILE A 15 -6.37 20.67 -9.11
CA ILE A 15 -6.32 19.28 -8.70
C ILE A 15 -5.66 19.19 -7.33
N GLY A 16 -6.46 18.94 -6.29
CA GLY A 16 -5.96 18.83 -4.94
C GLY A 16 -5.85 17.38 -4.49
N ILE A 17 -5.35 17.22 -3.26
CA ILE A 17 -5.16 15.88 -2.71
C ILE A 17 -6.50 15.18 -2.52
N SER A 18 -7.58 15.95 -2.35
CA SER A 18 -8.90 15.36 -2.13
C SER A 18 -10.01 16.17 -2.79
N SER A 19 -9.68 17.06 -3.71
CA SER A 19 -10.68 17.91 -4.35
C SER A 19 -10.28 18.18 -5.79
N ILE A 20 -11.29 18.46 -6.61
CA ILE A 20 -11.10 18.82 -8.02
C ILE A 20 -11.96 20.05 -8.28
N GLY A 21 -11.33 21.21 -8.40
CA GLY A 21 -12.02 22.42 -8.82
C GLY A 21 -11.89 22.60 -10.32
N TRP A 22 -13.00 22.97 -10.96
CA TRP A 22 -13.03 23.10 -12.40
C TRP A 22 -13.86 24.30 -12.81
N ALA A 23 -13.43 24.95 -13.90
CA ALA A 23 -14.13 26.10 -14.46
C ALA A 23 -14.11 26.00 -15.98
N PHE A 24 -15.16 26.51 -16.61
CA PHE A 24 -15.30 26.46 -18.06
C PHE A 24 -15.56 27.87 -18.57
N SER A 25 -14.66 28.36 -19.43
CA SER A 25 -14.76 29.69 -19.99
C SER A 25 -14.87 29.60 -21.51
N GLU A 26 -15.49 30.62 -22.10
CA GLU A 26 -15.62 30.72 -23.55
C GLU A 26 -15.86 32.18 -23.89
N ASN A 27 -15.09 32.70 -24.86
CA ASN A 27 -15.17 34.11 -25.25
C ASN A 27 -14.93 35.02 -24.05
N ASP A 28 -13.97 34.63 -23.20
CA ASP A 28 -13.63 35.34 -21.97
C ASP A 28 -14.79 35.39 -20.99
N GLU A 29 -15.79 34.53 -21.16
CA GLU A 29 -16.99 34.52 -20.34
C GLU A 29 -17.07 33.24 -19.53
N LEU A 30 -17.20 33.37 -18.22
CA LEU A 30 -17.32 32.20 -17.35
C LEU A 30 -18.69 31.57 -17.52
N LYS A 31 -18.71 30.27 -17.86
CA LYS A 31 -19.94 29.56 -18.19
C LYS A 31 -20.40 28.58 -17.13
N ASP A 32 -19.47 27.89 -16.46
CA ASP A 32 -19.84 26.86 -15.52
C ASP A 32 -18.76 26.72 -14.45
N CYS A 33 -19.17 26.25 -13.28
CA CYS A 33 -18.28 26.11 -12.13
C CYS A 33 -18.69 24.89 -11.32
N GLY A 34 -17.74 24.36 -10.55
CA GLY A 34 -18.03 23.20 -9.72
C GLY A 34 -16.82 22.76 -8.92
N VAL A 35 -17.10 21.97 -7.89
CA VAL A 35 -16.08 21.36 -7.05
C VAL A 35 -16.45 19.90 -6.83
N ARG A 36 -15.48 19.01 -7.03
CA ARG A 36 -15.67 17.58 -6.83
C ARG A 36 -14.82 17.15 -5.65
N ILE A 37 -15.47 16.89 -4.51
CA ILE A 37 -14.78 16.43 -3.31
C ILE A 37 -14.84 14.91 -3.29
N PHE A 38 -13.69 14.26 -3.48
CA PHE A 38 -13.64 12.80 -3.49
C PHE A 38 -12.99 12.21 -2.25
N THR A 39 -12.40 13.03 -1.38
CA THR A 39 -11.77 12.65 -0.10
C THR A 39 -11.74 11.17 0.25
N GLU A 48 -3.17 8.64 6.10
CA GLU A 48 -2.07 7.77 5.68
C GLU A 48 -2.47 6.96 4.45
N SER A 49 -1.52 6.17 3.95
CA SER A 49 -1.68 5.41 2.71
C SER A 49 -2.92 4.54 2.69
N LEU A 50 -3.41 4.21 1.49
CA LEU A 50 -4.60 3.39 1.34
C LEU A 50 -4.28 1.91 1.42
N ALA A 51 -3.28 1.46 0.68
CA ALA A 51 -2.94 0.04 0.62
C ALA A 51 -2.14 -0.44 1.82
N LEU A 52 -1.59 0.47 2.63
CA LEU A 52 -0.72 0.06 3.73
C LEU A 52 -1.39 -0.87 4.72
N PRO A 53 -2.56 -0.54 5.30
CA PRO A 53 -3.16 -1.49 6.26
C PRO A 53 -3.53 -2.81 5.64
N ARG A 54 -3.93 -2.81 4.36
CA ARG A 54 -4.19 -4.07 3.67
C ARG A 54 -2.93 -4.91 3.55
N ARG A 55 -1.79 -4.26 3.28
CA ARG A 55 -0.52 -4.97 3.17
C ARG A 55 -0.07 -5.53 4.51
N LEU A 56 -0.19 -4.75 5.59
CA LEU A 56 0.24 -5.22 6.90
C LEU A 56 -0.58 -6.42 7.33
N ALA A 57 -1.90 -6.37 7.16
CA ALA A 57 -2.73 -7.52 7.50
C ALA A 57 -2.42 -8.71 6.59
N ARG A 58 -2.10 -8.46 5.32
CA ARG A 58 -1.77 -9.56 4.42
C ARG A 58 -0.48 -10.25 4.85
N SER A 59 0.56 -9.46 5.12
CA SER A 59 1.83 -10.03 5.56
C SER A 59 1.67 -10.79 6.87
N ALA A 60 0.82 -10.30 7.78
CA ALA A 60 0.63 -10.95 9.06
C ALA A 60 -0.08 -12.29 8.90
N ARG A 61 -1.09 -12.35 8.04
CA ARG A 61 -1.77 -13.61 7.76
C ARG A 61 -0.81 -14.65 7.22
N LYS A 62 -0.01 -14.28 6.21
CA LYS A 62 0.89 -15.23 5.58
C LYS A 62 1.99 -15.65 6.55
N ARG A 63 2.49 -14.73 7.37
CA ARG A 63 3.54 -15.09 8.32
C ARG A 63 3.05 -16.11 9.34
N LEU A 64 1.81 -15.94 9.83
CA LEU A 64 1.29 -16.86 10.83
C LEU A 64 0.79 -18.15 10.21
N ALA A 65 0.21 -18.09 9.00
CA ALA A 65 -0.18 -19.31 8.31
C ALA A 65 1.03 -20.19 8.01
N ARG A 66 2.17 -19.58 7.71
CA ARG A 66 3.37 -20.36 7.44
C ARG A 66 3.99 -20.92 8.72
N ARG A 67 3.94 -20.16 9.81
CA ARG A 67 4.34 -20.70 11.10
C ARG A 67 3.50 -21.92 11.47
N LYS A 68 2.18 -21.82 11.33
CA LYS A 68 1.30 -22.92 11.68
C LYS A 68 1.65 -24.19 10.90
N ALA A 69 1.77 -24.09 9.58
CA ALA A 69 2.11 -25.26 8.78
C ALA A 69 3.51 -25.77 9.11
N ARG A 70 4.43 -24.85 9.44
CA ARG A 70 5.76 -25.25 9.84
C ARG A 70 5.74 -26.03 11.15
N LEU A 71 4.89 -25.61 12.10
CA LEU A 71 4.75 -26.35 13.35
C LEU A 71 4.01 -27.66 13.13
N ASN A 72 2.99 -27.66 12.27
CA ASN A 72 2.29 -28.91 11.95
C ASN A 72 3.25 -29.92 11.33
N HIS A 73 4.14 -29.45 10.45
CA HIS A 73 5.11 -30.34 9.82
C HIS A 73 6.01 -30.99 10.87
N LEU A 74 6.47 -30.21 11.84
CA LEU A 74 7.30 -30.78 12.90
C LEU A 74 6.50 -31.74 13.77
N LYS A 75 5.24 -31.40 14.07
CA LYS A 75 4.39 -32.31 14.83
C LYS A 75 4.19 -33.63 14.09
N HIS A 76 4.14 -33.60 12.76
CA HIS A 76 4.10 -34.84 12.00
C HIS A 76 5.40 -35.61 12.16
N LEU A 77 6.54 -34.93 12.04
CA LEU A 77 7.83 -35.60 12.16
C LEU A 77 8.01 -36.17 13.57
N ILE A 78 7.61 -35.40 14.58
CA ILE A 78 7.72 -35.87 15.96
C ILE A 78 6.82 -37.09 16.18
N ALA A 79 5.58 -37.03 15.69
CA ALA A 79 4.67 -38.15 15.87
C ALA A 79 5.15 -39.39 15.12
N ASN A 80 5.75 -39.20 13.95
CA ASN A 80 6.23 -40.35 13.18
C ASN A 80 7.50 -40.94 13.80
N GLU A 81 8.44 -40.08 14.20
CA GLU A 81 9.72 -40.56 14.71
C GLU A 81 9.58 -41.14 16.11
N PHE A 82 8.81 -40.50 16.97
CA PHE A 82 8.68 -40.92 18.36
C PHE A 82 7.49 -41.83 18.60
N LYS A 83 6.70 -42.14 17.56
CA LYS A 83 5.51 -42.97 17.68
C LYS A 83 4.51 -42.37 18.66
N LEU A 84 4.40 -41.04 18.64
CA LEU A 84 3.43 -40.31 19.44
C LEU A 84 2.18 -40.01 18.60
N ASN A 85 1.21 -39.38 19.23
CA ASN A 85 -0.07 -39.08 18.59
C ASN A 85 -0.06 -37.65 18.09
N TYR A 86 -0.24 -37.48 16.77
CA TYR A 86 -0.26 -36.14 16.19
C TYR A 86 -1.41 -35.32 16.76
N GLU A 87 -2.58 -35.96 16.97
CA GLU A 87 -3.73 -35.26 17.50
C GLU A 87 -3.51 -34.74 18.91
N ASP A 88 -2.56 -35.33 19.66
CA ASP A 88 -2.27 -34.87 21.02
C ASP A 88 -1.53 -33.53 21.04
N TYR A 89 -1.11 -33.02 19.89
CA TYR A 89 -0.46 -31.72 19.82
C TYR A 89 -1.34 -30.68 19.14
N GLN A 90 -2.59 -31.02 18.85
CA GLN A 90 -3.57 -30.08 18.34
C GLN A 90 -4.63 -29.83 19.42
N SER A 91 -5.21 -28.64 19.39
CA SER A 91 -6.24 -28.28 20.36
C SER A 91 -7.59 -28.84 19.93
N PHE A 92 -8.33 -29.36 20.91
CA PHE A 92 -9.69 -29.82 20.69
C PHE A 92 -10.61 -29.14 21.70
N ASP A 93 -11.83 -28.82 21.27
CA ASP A 93 -12.83 -28.18 22.12
C ASP A 93 -12.34 -26.82 22.63
N GLU A 94 -11.53 -26.14 21.82
CA GLU A 94 -10.98 -24.82 22.16
C GLU A 94 -10.21 -24.86 23.48
N SER A 95 -9.66 -26.02 23.82
CA SER A 95 -8.92 -26.20 25.06
C SER A 95 -7.53 -26.74 24.77
N LEU A 96 -6.74 -26.87 25.82
CA LEU A 96 -5.31 -27.15 25.68
C LEU A 96 -5.07 -28.52 25.07
N ALA A 97 -4.00 -28.63 24.27
CA ALA A 97 -3.65 -29.89 23.65
C ALA A 97 -3.31 -30.93 24.70
N LYS A 98 -3.61 -32.19 24.39
CA LYS A 98 -3.48 -33.27 25.37
C LYS A 98 -2.04 -33.44 25.86
N ALA A 99 -1.06 -33.19 24.98
CA ALA A 99 0.33 -33.38 25.35
C ALA A 99 0.84 -32.32 26.33
N TYR A 100 0.07 -31.24 26.54
CA TYR A 100 0.51 -30.14 27.40
C TYR A 100 -0.32 -30.05 28.69
N LYS A 101 -1.15 -31.04 28.97
CA LYS A 101 -2.01 -30.98 30.16
C LYS A 101 -1.22 -31.33 31.42
N GLY A 102 -1.86 -31.10 32.57
CA GLY A 102 -1.26 -31.43 33.85
C GLY A 102 -0.13 -30.49 34.24
N SER A 103 0.50 -30.84 35.36
CA SER A 103 1.65 -30.09 35.84
C SER A 103 2.78 -30.18 34.83
N LEU A 104 3.27 -29.04 34.37
CA LEU A 104 4.13 -28.96 33.19
C LEU A 104 5.47 -28.34 33.56
N ILE A 105 6.54 -29.10 33.37
CA ILE A 105 7.88 -28.53 33.39
C ILE A 105 8.04 -27.59 32.21
N SER A 106 8.64 -26.41 32.44
CA SER A 106 8.80 -25.43 31.39
C SER A 106 9.80 -25.91 30.34
N PRO A 107 9.66 -25.44 29.09
CA PRO A 107 10.67 -25.79 28.08
C PRO A 107 12.04 -25.21 28.39
N TYR A 108 12.10 -24.12 29.15
CA TYR A 108 13.39 -23.56 29.52
C TYR A 108 14.16 -24.49 30.44
N GLU A 109 13.45 -25.17 31.35
CA GLU A 109 14.11 -26.17 32.19
C GLU A 109 14.43 -27.42 31.41
N LEU A 110 13.53 -27.84 30.51
CA LEU A 110 13.80 -29.00 29.68
C LEU A 110 15.01 -28.77 28.79
N ARG A 111 15.16 -27.54 28.27
CA ARG A 111 16.30 -27.24 27.41
C ARG A 111 17.61 -27.17 28.19
N PHE A 112 17.55 -26.92 29.51
CA PHE A 112 18.77 -27.00 30.31
C PHE A 112 19.13 -28.44 30.63
N ARG A 113 18.13 -29.28 30.95
CA ARG A 113 18.39 -30.68 31.22
C ARG A 113 19.03 -31.36 30.01
N ALA A 114 18.61 -30.96 28.80
CA ALA A 114 19.10 -31.59 27.58
C ALA A 114 20.61 -31.51 27.44
N LEU A 115 21.26 -30.56 28.13
CA LEU A 115 22.71 -30.47 28.11
C LEU A 115 23.37 -31.40 29.13
N ASN A 116 22.60 -32.09 29.96
CA ASN A 116 23.17 -32.87 31.05
C ASN A 116 22.59 -34.28 31.21
N GLU A 117 21.37 -34.55 30.77
CA GLU A 117 20.78 -35.87 30.98
C GLU A 117 19.88 -36.21 29.80
N LEU A 118 19.48 -37.48 29.75
CA LEU A 118 18.58 -37.94 28.70
C LEU A 118 17.19 -37.36 28.90
N LEU A 119 16.59 -36.89 27.81
CA LEU A 119 15.23 -36.39 27.84
C LEU A 119 14.25 -37.50 27.47
N SER A 120 13.06 -37.43 28.05
CA SER A 120 11.94 -38.20 27.54
C SER A 120 11.58 -37.72 26.14
N LYS A 121 11.04 -38.61 25.32
CA LYS A 121 10.64 -38.20 23.98
C LYS A 121 9.46 -37.26 24.01
N GLN A 122 8.66 -37.28 25.09
CA GLN A 122 7.67 -36.23 25.28
C GLN A 122 8.33 -34.91 25.63
N ASP A 123 9.45 -34.94 26.36
CA ASP A 123 10.19 -33.73 26.67
C ASP A 123 10.89 -33.18 25.44
N PHE A 124 11.58 -34.05 24.70
CA PHE A 124 12.25 -33.61 23.48
C PHE A 124 11.25 -33.05 22.48
N ALA A 125 10.04 -33.60 22.45
CA ALA A 125 9.03 -33.10 21.53
C ALA A 125 8.67 -31.65 21.83
N ARG A 126 8.46 -31.32 23.10
CA ARG A 126 8.10 -29.96 23.47
C ARG A 126 9.29 -29.01 23.31
N VAL A 127 10.50 -29.51 23.47
CA VAL A 127 11.68 -28.67 23.26
C VAL A 127 11.77 -28.23 21.81
N ILE A 128 11.64 -29.18 20.88
CA ILE A 128 11.71 -28.86 19.46
C ILE A 128 10.64 -27.85 19.08
N LEU A 129 9.41 -28.06 19.56
CA LEU A 129 8.32 -27.16 19.19
C LEU A 129 8.49 -25.78 19.81
N HIS A 130 9.08 -25.71 21.00
CA HIS A 130 9.26 -24.41 21.65
C HIS A 130 10.30 -23.56 20.93
N ILE A 131 11.42 -24.17 20.55
CA ILE A 131 12.44 -23.42 19.81
C ILE A 131 11.93 -23.00 18.44
N ALA A 132 11.13 -23.86 17.81
CA ALA A 132 10.69 -23.60 16.44
C ALA A 132 9.60 -22.53 16.37
N LYS A 133 8.77 -22.40 17.41
CA LYS A 133 7.68 -21.42 17.35
C LYS A 133 8.22 -20.00 17.32
N ARG A 134 9.26 -19.72 18.10
CA ARG A 134 9.91 -18.39 18.13
C ARG A 134 11.39 -18.62 17.87
N ARG A 135 11.76 -18.73 16.59
CA ARG A 135 13.10 -19.10 16.20
C ARG A 135 14.07 -17.91 16.15
N GLY A 136 13.61 -16.72 16.52
CA GLY A 136 14.51 -15.57 16.62
C GLY A 136 14.73 -14.88 15.30
N TYR A 137 15.42 -13.74 15.37
CA TYR A 137 15.64 -12.90 14.19
C TYR A 137 16.82 -13.40 13.38
N ASP A 138 16.65 -13.43 12.06
CA ASP A 138 17.66 -13.92 11.13
C ASP A 138 18.57 -12.74 10.76
N ASP A 139 19.67 -12.59 11.51
CA ASP A 139 20.60 -11.48 11.31
C ASP A 139 21.45 -11.76 10.07
N ILE A 140 20.90 -11.40 8.91
CA ILE A 140 21.58 -11.68 7.65
C ILE A 140 22.66 -10.64 7.36
N LYS A 141 22.32 -9.35 7.46
CA LYS A 141 23.21 -8.29 7.03
C LYS A 141 24.42 -8.15 7.95
N ASN A 142 24.18 -7.70 9.18
CA ASN A 142 25.24 -7.47 10.16
C ASN A 142 26.29 -6.50 9.64
N LYS A 146 25.96 2.06 9.92
CA LYS A 146 24.69 2.77 9.97
C LYS A 146 24.07 2.67 11.36
N GLU A 147 23.11 3.56 11.64
CA GLU A 147 22.46 3.58 12.95
C GLU A 147 21.67 2.29 13.17
N LYS A 148 21.82 1.71 14.35
CA LYS A 148 21.20 0.44 14.68
C LYS A 148 19.95 0.68 15.51
N GLY A 149 18.84 0.07 15.10
CA GLY A 149 17.59 0.17 15.83
C GLY A 149 17.64 -0.63 17.12
N ALA A 150 16.47 -0.71 17.76
CA ALA A 150 16.38 -1.35 19.07
C ALA A 150 16.66 -2.84 18.99
N ILE A 151 16.14 -3.51 17.96
CA ILE A 151 16.32 -4.96 17.86
C ILE A 151 17.78 -5.30 17.54
N LEU A 152 18.42 -4.51 16.68
CA LEU A 152 19.83 -4.73 16.39
C LEU A 152 20.70 -4.49 17.62
N LYS A 153 20.34 -3.50 18.44
CA LYS A 153 21.06 -3.30 19.69
C LYS A 153 20.92 -4.50 20.61
N ALA A 154 19.72 -5.08 20.68
CA ALA A 154 19.46 -6.12 21.66
C ALA A 154 20.13 -7.44 21.30
N ILE A 155 20.17 -7.79 20.02
CA ILE A 155 20.80 -9.05 19.63
C ILE A 155 22.31 -8.98 19.89
N LYS A 156 22.91 -7.79 19.78
CA LYS A 156 24.33 -7.66 20.07
C LYS A 156 24.59 -7.68 21.57
N GLN A 157 23.74 -7.02 22.36
CA GLN A 157 23.89 -7.06 23.81
C GLN A 157 23.67 -8.48 24.34
N ASN A 158 22.69 -9.20 23.77
CA ASN A 158 22.48 -10.58 24.18
C ASN A 158 23.60 -11.50 23.71
N GLU A 159 24.22 -11.18 22.56
CA GLU A 159 25.30 -12.01 22.05
C GLU A 159 26.49 -12.00 23.00
N GLU A 160 26.78 -10.86 23.61
CA GLU A 160 27.93 -10.77 24.49
C GLU A 160 27.69 -11.54 25.79
N LYS A 161 26.48 -11.46 26.35
CA LYS A 161 26.15 -12.28 27.51
C LYS A 161 26.15 -13.76 27.16
N LEU A 162 25.80 -14.09 25.91
CA LEU A 162 25.62 -15.48 25.51
C LEU A 162 26.94 -16.25 25.47
N ALA A 163 28.08 -15.55 25.49
CA ALA A 163 29.37 -16.22 25.40
C ALA A 163 29.73 -16.97 26.68
N ASN A 164 29.04 -16.69 27.78
CA ASN A 164 29.28 -17.37 29.05
C ASN A 164 28.36 -18.58 29.25
N TYR A 165 27.63 -18.99 28.23
CA TYR A 165 26.68 -20.08 28.36
C TYR A 165 26.81 -21.04 27.18
N GLN A 166 26.40 -22.29 27.43
CA GLN A 166 26.43 -23.29 26.36
C GLN A 166 25.39 -22.97 25.29
N SER A 167 24.17 -22.65 25.70
CA SER A 167 23.06 -22.51 24.78
C SER A 167 22.18 -21.35 25.19
N VAL A 168 21.31 -20.94 24.26
CA VAL A 168 20.31 -19.92 24.56
C VAL A 168 19.38 -20.41 25.67
N GLY A 169 19.02 -21.69 25.63
CA GLY A 169 18.12 -22.23 26.64
C GLY A 169 18.67 -22.09 28.04
N GLU A 170 19.93 -22.46 28.24
CA GLU A 170 20.55 -22.32 29.55
C GLU A 170 20.61 -20.85 29.97
N TYR A 171 20.93 -19.97 29.02
CA TYR A 171 21.01 -18.54 29.31
C TYR A 171 19.68 -18.00 29.81
N LEU A 172 18.59 -18.29 29.09
CA LEU A 172 17.28 -17.80 29.51
C LEU A 172 16.82 -18.48 30.79
N TYR A 173 17.15 -19.77 30.95
CA TYR A 173 16.67 -20.51 32.12
C TYR A 173 17.36 -20.04 33.39
N LYS A 174 18.64 -19.66 33.30
CA LYS A 174 19.41 -19.31 34.48
C LYS A 174 19.42 -17.82 34.77
N GLU A 175 19.26 -16.98 33.75
CA GLU A 175 19.32 -15.54 33.95
C GLU A 175 17.95 -14.91 34.19
N TYR A 176 16.88 -15.48 33.64
CA TYR A 176 15.60 -14.81 33.71
C TYR A 176 14.46 -15.70 34.21
N PHE A 177 14.45 -16.98 33.85
CA PHE A 177 13.29 -17.82 34.12
C PHE A 177 13.05 -17.95 35.62
N GLN A 178 11.90 -17.45 36.07
CA GLN A 178 11.50 -17.52 37.48
C GLN A 178 12.58 -16.95 38.39
N LYS A 179 13.23 -15.89 37.93
CA LYS A 179 14.16 -15.12 38.75
C LYS A 179 13.52 -13.78 39.10
N PHE A 180 13.71 -13.35 40.34
CA PHE A 180 13.05 -12.15 40.82
C PHE A 180 13.85 -10.90 40.43
N LYS A 181 13.12 -9.88 39.97
CA LYS A 181 13.75 -8.63 39.53
C LYS A 181 14.30 -7.87 40.74
N GLU A 182 14.68 -6.61 40.49
CA GLU A 182 15.32 -5.77 41.50
C GLU A 182 14.40 -5.53 42.70
N ASN A 183 14.69 -6.18 43.82
CA ASN A 183 13.99 -5.93 45.08
C ASN A 183 12.49 -6.19 44.94
N SER A 184 12.13 -7.27 44.26
CA SER A 184 10.75 -7.58 43.95
C SER A 184 10.42 -9.01 44.28
N LYS A 185 9.13 -9.27 44.48
CA LYS A 185 8.60 -10.63 44.64
C LYS A 185 7.96 -11.13 43.35
N GLU A 186 8.19 -10.47 42.23
CA GLU A 186 7.62 -10.83 40.94
C GLU A 186 8.69 -11.47 40.06
N PHE A 187 8.33 -12.57 39.41
CA PHE A 187 9.20 -13.16 38.41
C PHE A 187 9.50 -12.15 37.30
N THR A 188 10.76 -12.07 36.89
CA THR A 188 11.08 -11.25 35.74
C THR A 188 10.68 -11.98 34.46
N ASN A 189 10.81 -11.27 33.33
CA ASN A 189 10.30 -11.76 32.06
C ASN A 189 11.39 -12.48 31.28
N VAL A 190 11.02 -13.63 30.70
CA VAL A 190 11.86 -14.27 29.69
C VAL A 190 11.47 -13.81 28.31
N ARG A 191 10.18 -13.88 28.00
CA ARG A 191 9.63 -13.29 26.80
C ARG A 191 9.76 -11.76 26.87
N ASN A 192 9.69 -11.14 25.71
CA ASN A 192 9.64 -9.68 25.68
C ASN A 192 8.31 -9.19 26.21
N LYS A 193 8.32 -7.99 26.81
CA LYS A 193 7.12 -7.39 27.37
C LYS A 193 7.01 -5.95 26.90
N LYS A 194 5.77 -5.53 26.64
CA LYS A 194 5.39 -4.14 26.47
C LYS A 194 6.42 -3.27 25.74
N GLU A 195 6.48 -3.39 24.41
CA GLU A 195 7.28 -2.51 23.57
C GLU A 195 8.78 -2.65 23.77
N SER A 196 9.21 -3.56 24.64
CA SER A 196 10.63 -3.81 24.83
C SER A 196 11.08 -4.96 23.94
N TYR A 197 12.26 -4.79 23.35
CA TYR A 197 12.88 -5.82 22.53
C TYR A 197 14.14 -6.39 23.19
N GLU A 198 14.23 -6.31 24.51
CA GLU A 198 15.50 -6.56 25.20
C GLU A 198 15.96 -8.01 25.06
N ARG A 199 15.04 -8.94 24.91
CA ARG A 199 15.37 -10.37 24.91
C ARG A 199 15.63 -10.92 23.51
N CYS A 200 15.64 -10.07 22.48
CA CYS A 200 15.82 -10.55 21.11
C CYS A 200 17.19 -11.19 20.94
N ILE A 201 17.19 -12.40 20.37
CA ILE A 201 18.41 -13.18 20.15
C ILE A 201 18.43 -13.64 18.70
N ALA A 202 19.60 -13.53 18.07
CA ALA A 202 19.74 -13.89 16.66
C ALA A 202 19.38 -15.34 16.43
N GLN A 203 18.69 -15.60 15.31
CA GLN A 203 18.17 -16.93 15.02
C GLN A 203 19.28 -17.98 14.93
N SER A 204 20.47 -17.59 14.47
CA SER A 204 21.56 -18.55 14.32
C SER A 204 21.95 -19.19 15.65
N PHE A 205 21.80 -18.46 16.75
CA PHE A 205 22.12 -19.04 18.06
C PHE A 205 21.10 -20.10 18.47
N LEU A 206 19.82 -19.90 18.11
CA LEU A 206 18.82 -20.91 18.42
C LEU A 206 18.97 -22.14 17.53
N LYS A 207 19.47 -21.96 16.31
CA LYS A 207 19.82 -23.12 15.48
C LYS A 207 21.00 -23.86 16.08
N ASP A 208 21.95 -23.13 16.67
CA ASP A 208 23.08 -23.79 17.34
C ASP A 208 22.61 -24.61 18.53
N GLU A 209 21.60 -24.12 19.25
CA GLU A 209 21.12 -24.84 20.43
C GLU A 209 20.48 -26.16 20.05
N LEU A 210 19.57 -26.13 19.06
CA LEU A 210 18.91 -27.35 18.64
C LEU A 210 19.90 -28.37 18.05
N LYS A 211 20.95 -27.89 17.37
CA LYS A 211 22.01 -28.80 16.94
C LYS A 211 22.75 -29.39 18.13
N LEU A 212 23.03 -28.56 19.14
CA LEU A 212 23.73 -29.05 20.33
C LEU A 212 22.87 -30.03 21.11
N ILE A 213 21.57 -29.75 21.21
CA ILE A 213 20.67 -30.63 21.97
C ILE A 213 20.60 -32.00 21.31
N PHE A 214 20.51 -32.04 19.98
CA PHE A 214 20.52 -33.33 19.28
C PHE A 214 21.81 -34.09 19.56
N LYS A 215 22.95 -33.41 19.48
CA LYS A 215 24.23 -34.06 19.70
C LYS A 215 24.37 -34.55 21.15
N LYS A 216 23.92 -33.74 22.11
CA LYS A 216 24.01 -34.14 23.50
C LYS A 216 23.06 -35.28 23.83
N GLN A 217 21.83 -35.23 23.30
CA GLN A 217 20.92 -36.36 23.47
C GLN A 217 21.45 -37.61 22.80
N ARG A 218 22.20 -37.44 21.71
CA ARG A 218 22.86 -38.58 21.07
C ARG A 218 23.86 -39.23 22.01
N GLU A 219 24.65 -38.41 22.72
CA GLU A 219 25.62 -38.95 23.66
C GLU A 219 24.95 -39.62 24.85
N PHE A 220 23.74 -39.19 25.21
CA PHE A 220 23.03 -39.72 26.36
C PHE A 220 22.21 -40.96 26.03
N GLY A 221 22.17 -41.39 24.78
CA GLY A 221 21.51 -42.61 24.40
C GLY A 221 20.19 -42.44 23.66
N PHE A 222 19.77 -41.22 23.38
CA PHE A 222 18.55 -41.03 22.60
C PHE A 222 18.79 -41.50 21.17
N SER A 223 17.89 -42.35 20.68
CA SER A 223 18.02 -42.95 19.37
C SER A 223 17.03 -42.31 18.40
N PHE A 224 17.54 -41.87 17.25
CA PHE A 224 16.71 -41.29 16.20
C PHE A 224 17.45 -41.40 14.88
N SER A 225 16.69 -41.57 13.81
CA SER A 225 17.28 -41.66 12.49
C SER A 225 17.98 -40.36 12.12
N LYS A 226 19.06 -40.47 11.33
CA LYS A 226 19.77 -39.29 10.89
C LYS A 226 18.86 -38.37 10.07
N LYS A 227 17.95 -38.96 9.30
CA LYS A 227 17.03 -38.17 8.50
C LYS A 227 16.11 -37.32 9.38
N PHE A 228 15.85 -37.76 10.61
CA PHE A 228 14.97 -37.02 11.51
C PHE A 228 15.57 -35.66 11.86
N GLU A 229 16.82 -35.65 12.35
CA GLU A 229 17.45 -34.38 12.71
C GLU A 229 17.59 -33.46 11.49
N GLU A 230 17.96 -34.03 10.35
CA GLU A 230 18.10 -33.22 9.14
C GLU A 230 16.77 -32.61 8.74
N GLU A 231 15.68 -33.38 8.84
CA GLU A 231 14.37 -32.86 8.49
C GLU A 231 13.91 -31.80 9.50
N VAL A 232 14.13 -32.05 10.78
CA VAL A 232 13.70 -31.10 11.82
C VAL A 232 14.41 -29.77 11.64
N LEU A 233 15.73 -29.81 11.42
CA LEU A 233 16.49 -28.57 11.27
C LEU A 233 16.08 -27.80 10.03
N SER A 234 15.93 -28.48 8.89
CA SER A 234 15.58 -27.79 7.65
C SER A 234 14.17 -27.23 7.71
N VAL A 235 13.23 -27.97 8.30
CA VAL A 235 11.85 -27.51 8.35
C VAL A 235 11.71 -26.35 9.33
N ALA A 236 12.36 -26.43 10.49
CA ALA A 236 12.19 -25.41 11.51
C ALA A 236 12.76 -24.07 11.08
N PHE A 237 13.82 -24.08 10.26
CA PHE A 237 14.55 -22.86 9.94
C PHE A 237 14.47 -22.49 8.46
N TYR A 238 13.55 -23.11 7.72
CA TYR A 238 13.37 -22.74 6.32
C TYR A 238 12.82 -21.33 6.20
N LYS A 239 13.32 -20.59 5.21
CA LYS A 239 12.88 -19.23 4.94
C LYS A 239 12.80 -19.03 3.44
N ARG A 240 11.64 -18.63 2.95
CA ARG A 240 11.46 -18.41 1.51
C ARG A 240 12.21 -17.16 1.07
N ALA A 241 12.76 -17.20 -0.14
CA ALA A 241 13.34 -16.02 -0.75
C ALA A 241 12.22 -15.11 -1.23
N LEU A 242 12.60 -13.93 -1.73
CA LEU A 242 11.61 -12.98 -2.25
C LEU A 242 10.78 -13.62 -3.35
N LYS A 243 9.47 -13.40 -3.30
CA LYS A 243 8.58 -13.86 -4.36
C LYS A 243 8.98 -13.23 -5.69
N ASP A 244 8.70 -13.94 -6.78
CA ASP A 244 9.06 -13.45 -8.10
C ASP A 244 8.46 -12.07 -8.34
N PHE A 245 9.32 -11.11 -8.66
CA PHE A 245 8.91 -9.73 -8.90
C PHE A 245 9.26 -9.26 -10.31
N SER A 246 9.52 -10.20 -11.23
CA SER A 246 9.89 -9.81 -12.59
C SER A 246 8.80 -9.00 -13.27
N HIS A 247 7.53 -9.22 -12.90
CA HIS A 247 6.43 -8.45 -13.47
C HIS A 247 6.55 -6.97 -13.12
N LEU A 248 7.21 -6.64 -12.00
CA LEU A 248 7.28 -5.26 -11.55
C LEU A 248 8.39 -4.46 -12.23
N VAL A 249 9.26 -5.11 -13.00
CA VAL A 249 10.30 -4.37 -13.71
C VAL A 249 9.66 -3.52 -14.80
N GLY A 250 10.17 -2.31 -14.97
CA GLY A 250 9.67 -1.41 -16.00
C GLY A 250 10.07 -1.83 -17.39
N ASN A 251 9.57 -1.07 -18.37
CA ASN A 251 9.79 -1.36 -19.78
C ASN A 251 10.73 -0.33 -20.41
N CYS A 252 11.20 -0.68 -21.60
CA CYS A 252 12.15 0.16 -22.32
C CYS A 252 11.48 1.42 -22.85
N SER A 253 12.26 2.49 -22.94
CA SER A 253 11.75 3.75 -23.48
C SER A 253 11.40 3.64 -24.95
N PHE A 254 12.19 2.89 -25.71
CA PHE A 254 11.97 2.72 -27.14
C PHE A 254 11.02 1.57 -27.44
N PHE A 255 11.35 0.38 -26.96
CA PHE A 255 10.57 -0.83 -27.22
C PHE A 255 9.76 -1.14 -25.98
N THR A 256 8.51 -0.66 -25.96
CA THR A 256 7.67 -0.77 -24.78
C THR A 256 7.33 -2.22 -24.44
N ASP A 257 7.49 -3.14 -25.39
CA ASP A 257 7.20 -4.55 -25.14
C ASP A 257 8.39 -5.32 -24.59
N GLU A 258 9.50 -4.64 -24.31
CA GLU A 258 10.71 -5.27 -23.81
C GLU A 258 10.99 -4.77 -22.39
N LYS A 259 11.44 -5.68 -21.54
CA LYS A 259 11.78 -5.29 -20.17
C LYS A 259 13.08 -4.50 -20.15
N ARG A 260 13.26 -3.73 -19.09
CA ARG A 260 14.49 -2.97 -18.91
C ARG A 260 15.66 -3.91 -18.66
N ALA A 261 16.84 -3.45 -19.06
CA ALA A 261 18.03 -4.30 -18.93
C ALA A 261 18.62 -4.18 -17.53
N PRO A 262 19.07 -5.29 -16.94
CA PRO A 262 19.72 -5.21 -15.63
C PRO A 262 21.03 -4.44 -15.71
N LYS A 263 21.30 -3.64 -14.68
CA LYS A 263 22.50 -2.80 -14.69
C LYS A 263 23.79 -3.61 -14.72
N ASN A 264 23.79 -4.81 -14.10
CA ASN A 264 25.00 -5.58 -13.94
C ASN A 264 25.25 -6.54 -15.09
N SER A 265 24.59 -6.36 -16.23
CA SER A 265 24.91 -7.17 -17.39
C SER A 265 26.10 -6.59 -18.13
N PRO A 266 26.85 -7.42 -18.88
CA PRO A 266 27.99 -6.89 -19.63
C PRO A 266 27.60 -5.78 -20.60
N LEU A 267 26.48 -5.93 -21.30
CA LEU A 267 26.02 -4.88 -22.22
C LEU A 267 25.77 -3.58 -21.46
N ALA A 268 25.10 -3.66 -20.31
CA ALA A 268 24.81 -2.46 -19.53
C ALA A 268 26.09 -1.85 -18.98
N PHE A 269 27.02 -2.68 -18.48
CA PHE A 269 28.33 -2.18 -18.10
C PHE A 269 29.01 -1.50 -19.27
N MET A 270 28.95 -2.11 -20.46
CA MET A 270 29.55 -1.51 -21.63
C MET A 270 28.86 -0.19 -21.97
N PHE A 271 27.53 -0.17 -21.96
CA PHE A 271 26.80 1.03 -22.34
C PHE A 271 27.05 2.17 -21.35
N VAL A 272 27.01 1.87 -20.06
CA VAL A 272 27.20 2.92 -19.06
C VAL A 272 28.64 3.44 -19.11
N ALA A 273 29.61 2.53 -19.19
CA ALA A 273 31.00 2.96 -19.29
C ALA A 273 31.24 3.82 -20.52
N LEU A 274 30.65 3.43 -21.66
CA LEU A 274 30.76 4.25 -22.85
C LEU A 274 30.06 5.59 -22.69
N THR A 275 28.95 5.62 -21.93
CA THR A 275 28.23 6.86 -21.73
C THR A 275 29.07 7.89 -20.98
N ARG A 276 29.67 7.47 -19.86
CA ARG A 276 30.51 8.39 -19.09
C ARG A 276 31.73 8.82 -19.88
N ILE A 277 32.39 7.88 -20.55
CA ILE A 277 33.64 8.19 -21.25
C ILE A 277 33.37 9.12 -22.43
N ILE A 278 32.44 8.75 -23.30
CA ILE A 278 32.15 9.57 -24.48
C ILE A 278 31.68 10.96 -24.05
N ASN A 279 30.81 11.02 -23.04
CA ASN A 279 30.30 12.31 -22.59
C ASN A 279 31.40 13.15 -21.95
N LEU A 280 32.38 12.51 -21.31
CA LEU A 280 33.49 13.27 -20.73
C LEU A 280 34.40 13.82 -21.81
N LEU A 281 34.70 13.01 -22.83
CA LEU A 281 35.52 13.49 -23.94
C LEU A 281 34.84 14.65 -24.66
N ASN A 282 33.53 14.54 -24.88
CA ASN A 282 32.78 15.64 -25.49
C ASN A 282 32.65 16.81 -24.52
N ASN A 283 32.61 16.54 -23.21
CA ASN A 283 32.58 17.62 -22.24
C ASN A 283 33.86 18.45 -22.31
N LEU A 284 35.00 17.80 -22.51
CA LEU A 284 36.26 18.53 -22.63
C LEU A 284 36.32 19.37 -23.90
N LYS A 285 35.64 18.93 -24.96
CA LYS A 285 35.56 19.73 -26.17
C LYS A 285 34.75 21.00 -25.93
N ASN A 286 33.64 20.88 -25.20
CA ASN A 286 32.83 22.05 -24.88
C ASN A 286 33.57 23.00 -23.96
N THR A 287 34.51 22.49 -23.15
CA THR A 287 35.23 23.30 -22.18
C THR A 287 36.59 23.76 -22.69
N GLU A 288 37.38 22.86 -23.26
CA GLU A 288 38.76 23.16 -23.64
C GLU A 288 39.04 22.96 -25.12
N GLY A 289 38.06 22.53 -25.90
CA GLY A 289 38.28 22.33 -27.33
C GLY A 289 39.21 21.21 -27.68
N ILE A 290 39.44 20.27 -26.75
CA ILE A 290 40.32 19.13 -27.00
C ILE A 290 39.52 18.04 -27.70
N LEU A 291 39.96 17.63 -28.88
CA LEU A 291 39.30 16.59 -29.66
C LEU A 291 40.07 15.28 -29.48
N TYR A 292 39.43 14.32 -28.82
CA TYR A 292 40.00 12.99 -28.65
C TYR A 292 39.48 12.04 -29.72
N THR A 293 40.04 10.84 -29.75
CA THR A 293 39.78 9.87 -30.81
C THR A 293 39.31 8.55 -30.21
N LYS A 294 38.95 7.63 -31.09
CA LYS A 294 38.54 6.29 -30.66
C LYS A 294 39.67 5.58 -29.92
N ASP A 295 40.93 5.90 -30.25
CA ASP A 295 42.05 5.33 -29.51
C ASP A 295 42.08 5.87 -28.08
N ASP A 296 41.97 7.19 -27.92
CA ASP A 296 41.82 7.77 -26.60
C ASP A 296 40.57 7.27 -25.90
N LEU A 297 39.56 6.84 -26.66
CA LEU A 297 38.39 6.20 -26.07
C LEU A 297 38.68 4.76 -25.69
N ASN A 298 39.34 4.02 -26.58
CA ASN A 298 39.65 2.62 -26.32
C ASN A 298 40.59 2.45 -25.13
N ALA A 299 41.43 3.45 -24.87
CA ALA A 299 42.33 3.38 -23.73
C ALA A 299 41.56 3.45 -22.42
N LEU A 300 40.62 4.40 -22.31
CA LEU A 300 39.81 4.51 -21.10
C LEU A 300 38.90 3.30 -20.94
N LEU A 301 38.34 2.80 -22.05
CA LEU A 301 37.48 1.63 -21.97
C LEU A 301 38.25 0.38 -21.60
N ASN A 302 39.49 0.26 -22.08
CA ASN A 302 40.30 -0.92 -21.75
C ASN A 302 40.66 -0.95 -20.27
N GLU A 303 40.77 0.21 -19.63
CA GLU A 303 40.99 0.24 -18.19
C GLU A 303 39.75 -0.17 -17.42
N VAL A 304 38.56 0.15 -17.95
CA VAL A 304 37.32 -0.29 -17.32
C VAL A 304 37.16 -1.80 -17.50
N LEU A 305 37.38 -2.30 -18.72
CA LEU A 305 37.16 -3.71 -19.00
C LEU A 305 38.11 -4.62 -18.24
N LYS A 306 39.23 -4.09 -17.73
CA LYS A 306 40.21 -4.90 -17.02
C LYS A 306 39.83 -5.11 -15.54
N ASN A 307 39.36 -4.07 -14.86
CA ASN A 307 39.02 -4.16 -13.45
C ASN A 307 37.66 -3.60 -13.07
N GLY A 308 36.83 -3.22 -14.05
CA GLY A 308 35.60 -2.54 -13.74
C GLY A 308 35.76 -1.20 -13.04
N THR A 309 36.98 -0.64 -13.03
CA THR A 309 37.27 0.56 -12.26
C THR A 309 37.97 1.58 -13.14
N LEU A 310 37.76 2.85 -12.85
CA LEU A 310 38.43 3.92 -13.57
C LEU A 310 38.53 5.16 -12.71
N THR A 311 39.53 5.21 -11.84
CA THR A 311 39.64 6.34 -10.94
C THR A 311 39.97 7.61 -11.71
N TYR A 312 39.56 8.74 -11.15
CA TYR A 312 39.80 10.02 -11.81
C TYR A 312 41.28 10.29 -11.98
N LYS A 313 42.12 9.76 -11.09
CA LYS A 313 43.56 10.01 -11.17
C LYS A 313 44.15 9.41 -12.44
N GLN A 314 43.69 8.23 -12.83
CA GLN A 314 44.11 7.64 -14.10
C GLN A 314 43.68 8.51 -15.27
N THR A 315 42.37 8.75 -15.40
CA THR A 315 41.82 9.38 -16.60
C THR A 315 42.54 10.67 -16.95
N LYS A 316 42.80 11.52 -15.95
CA LYS A 316 43.48 12.78 -16.20
C LYS A 316 44.89 12.55 -16.72
N LYS A 317 45.58 11.51 -16.25
CA LYS A 317 46.92 11.21 -16.74
C LYS A 317 46.89 10.61 -18.14
N LEU A 318 45.86 9.83 -18.45
CA LEU A 318 45.75 9.26 -19.78
C LEU A 318 45.45 10.32 -20.84
N LEU A 319 45.19 11.57 -20.43
CA LEU A 319 44.92 12.64 -21.38
C LEU A 319 45.06 14.03 -20.76
N GLY A 320 46.23 14.34 -20.20
CA GLY A 320 46.50 15.69 -19.78
C GLY A 320 47.07 15.86 -18.38
N LEU A 321 46.75 16.99 -17.76
CA LEU A 321 47.32 17.40 -16.49
C LEU A 321 46.55 16.78 -15.32
N SER A 322 46.61 17.43 -14.16
CA SER A 322 45.80 17.07 -12.99
C SER A 322 44.74 18.14 -12.84
N ASP A 323 43.49 17.79 -13.15
CA ASP A 323 42.44 18.77 -13.34
C ASP A 323 41.22 18.38 -12.52
N ASP A 324 40.37 19.37 -12.27
CA ASP A 324 39.12 19.19 -11.53
C ASP A 324 37.95 19.52 -12.45
N TYR A 325 37.56 18.53 -13.24
CA TYR A 325 36.33 18.57 -14.02
C TYR A 325 35.24 17.85 -13.24
N GLU A 326 34.04 18.47 -13.19
CA GLU A 326 32.85 18.02 -12.48
C GLU A 326 33.06 16.75 -11.66
N PHE A 327 33.41 16.92 -10.39
CA PHE A 327 34.06 15.89 -9.59
C PHE A 327 33.20 15.46 -8.40
N LYS A 328 33.64 14.35 -7.80
CA LYS A 328 33.19 13.85 -6.50
C LYS A 328 33.79 12.46 -6.28
N GLY A 329 34.85 12.36 -5.51
CA GLY A 329 35.39 11.08 -5.11
C GLY A 329 36.59 10.65 -5.93
N GLU A 330 36.99 9.40 -5.68
CA GLU A 330 38.21 8.89 -6.31
C GLU A 330 37.92 8.29 -7.69
N LYS A 331 36.82 7.56 -7.82
CA LYS A 331 36.56 6.74 -9.00
C LYS A 331 35.63 7.48 -9.95
N GLY A 332 36.00 7.50 -11.24
CA GLY A 332 35.16 8.07 -12.27
C GLY A 332 34.13 7.08 -12.78
N THR A 333 34.58 5.85 -12.98
CA THR A 333 33.71 4.72 -13.28
C THR A 333 33.92 3.67 -12.19
N TYR A 334 32.82 3.22 -11.58
CA TYR A 334 32.88 2.38 -10.38
C TYR A 334 31.88 1.23 -10.55
N PHE A 335 32.30 0.21 -11.30
CA PHE A 335 31.50 -1.02 -11.43
C PHE A 335 31.95 -1.98 -10.34
N ILE A 336 31.35 -1.83 -9.15
CA ILE A 336 31.78 -2.60 -7.99
C ILE A 336 31.61 -4.09 -8.24
N GLU A 337 30.49 -4.49 -8.84
CA GLU A 337 30.18 -5.90 -9.03
C GLU A 337 30.75 -6.49 -10.31
N PHE A 338 31.45 -5.69 -11.12
CA PHE A 338 32.02 -6.21 -12.37
C PHE A 338 33.11 -7.22 -12.09
N LYS A 339 34.07 -6.87 -11.22
CA LYS A 339 35.18 -7.76 -10.93
C LYS A 339 34.70 -9.07 -10.33
N LYS A 340 33.67 -9.01 -9.47
CA LYS A 340 33.12 -10.23 -8.89
C LYS A 340 32.45 -11.10 -9.95
N TYR A 341 31.83 -10.47 -10.95
CA TYR A 341 31.17 -11.23 -12.01
C TYR A 341 32.21 -12.00 -12.83
N LYS A 342 33.24 -11.31 -13.31
CA LYS A 342 34.26 -11.97 -14.13
C LYS A 342 35.06 -12.99 -13.33
N GLU A 343 35.27 -12.75 -12.03
CA GLU A 343 36.00 -13.70 -11.21
C GLU A 343 35.19 -14.97 -10.95
N PHE A 344 33.87 -14.87 -11.02
CA PHE A 344 33.01 -16.03 -10.78
C PHE A 344 32.85 -16.93 -12.00
N ILE A 345 33.27 -16.47 -13.18
CA ILE A 345 33.19 -17.30 -14.38
C ILE A 345 34.57 -17.90 -14.67
N SER A 354 29.31 -17.07 -24.62
CA SER A 354 28.33 -16.42 -25.47
C SER A 354 27.86 -15.09 -24.87
N GLN A 355 27.76 -14.06 -25.71
CA GLN A 355 27.41 -12.73 -25.21
C GLN A 355 25.94 -12.65 -24.83
N ASP A 356 25.06 -13.27 -25.62
CA ASP A 356 23.64 -13.25 -25.28
C ASP A 356 23.37 -14.05 -24.00
N ASP A 357 24.03 -15.18 -23.83
CA ASP A 357 23.87 -15.96 -22.61
C ASP A 357 24.45 -15.23 -21.41
N LEU A 358 25.49 -14.43 -21.60
CA LEU A 358 26.06 -13.66 -20.50
C LEU A 358 25.06 -12.63 -19.99
N ASN A 359 24.45 -11.88 -20.90
CA ASN A 359 23.42 -10.92 -20.50
C ASN A 359 22.20 -11.62 -19.93
N GLU A 360 21.87 -12.81 -20.44
CA GLU A 360 20.74 -13.57 -19.91
C GLU A 360 21.05 -14.11 -18.51
N ILE A 361 22.32 -14.39 -18.23
CA ILE A 361 22.70 -14.87 -16.90
C ILE A 361 22.55 -13.77 -15.87
N ALA A 362 23.02 -12.56 -16.19
CA ALA A 362 22.91 -11.44 -15.26
C ALA A 362 21.45 -11.13 -14.95
N LYS A 363 20.56 -11.27 -15.95
CA LYS A 363 19.14 -11.12 -15.71
C LYS A 363 18.63 -12.14 -14.71
N ASP A 364 19.05 -13.40 -14.86
CA ASP A 364 18.63 -14.44 -13.92
C ASP A 364 19.14 -14.17 -12.52
N ILE A 365 20.39 -13.73 -12.39
CA ILE A 365 20.93 -13.41 -11.08
C ILE A 365 20.20 -12.21 -10.48
N THR A 366 19.81 -11.26 -11.31
CA THR A 366 19.11 -10.07 -10.82
C THR A 366 17.71 -10.43 -10.32
N LEU A 367 17.03 -11.35 -11.00
CA LEU A 367 15.63 -11.64 -10.71
C LEU A 367 15.42 -12.82 -9.78
N ILE A 368 16.15 -13.92 -9.97
CA ILE A 368 15.91 -15.15 -9.22
C ILE A 368 16.72 -15.07 -7.93
N LYS A 369 16.09 -14.57 -6.88
CA LYS A 369 16.73 -14.47 -5.58
C LYS A 369 16.78 -15.81 -4.85
N ASP A 370 15.96 -16.77 -5.24
CA ASP A 370 16.01 -18.12 -4.69
C ASP A 370 17.22 -18.84 -5.30
N GLU A 371 18.21 -19.15 -4.47
CA GLU A 371 19.48 -19.66 -5.00
C GLU A 371 19.30 -21.02 -5.67
N ILE A 372 18.45 -21.88 -5.10
CA ILE A 372 18.22 -23.20 -5.71
C ILE A 372 17.56 -23.04 -7.07
N LYS A 373 16.54 -22.18 -7.16
CA LYS A 373 15.93 -21.91 -8.46
C LYS A 373 16.90 -21.17 -9.37
N LEU A 374 17.83 -20.42 -8.80
CA LEU A 374 18.88 -19.80 -9.60
C LEU A 374 19.89 -20.84 -10.09
N LYS A 375 20.25 -21.79 -9.24
CA LYS A 375 21.13 -22.88 -9.66
C LYS A 375 20.53 -23.62 -10.85
N LYS A 376 19.24 -23.94 -10.77
CA LYS A 376 18.57 -24.65 -11.86
C LYS A 376 18.53 -23.80 -13.13
N ALA A 377 18.32 -22.49 -13.00
CA ALA A 377 18.27 -21.64 -14.18
C ALA A 377 19.64 -21.51 -14.83
N LEU A 378 20.70 -21.37 -14.03
CA LEU A 378 22.05 -21.30 -14.58
C LEU A 378 22.44 -22.62 -15.22
N ALA A 379 21.93 -23.74 -14.72
CA ALA A 379 22.32 -25.07 -15.22
C ALA A 379 21.93 -25.28 -16.67
N LYS A 380 20.90 -24.61 -17.16
CA LYS A 380 20.52 -24.67 -18.57
C LYS A 380 21.58 -24.06 -19.49
N TYR A 381 22.67 -23.51 -18.95
CA TYR A 381 23.71 -22.90 -19.76
C TYR A 381 25.01 -23.68 -19.59
N ASP A 382 25.82 -23.69 -20.65
CA ASP A 382 27.08 -24.41 -20.62
C ASP A 382 28.06 -23.79 -19.63
N LEU A 383 28.02 -24.24 -18.37
CA LEU A 383 28.94 -23.77 -17.34
C LEU A 383 29.14 -24.89 -16.33
N ASN A 384 30.33 -24.91 -15.71
CA ASN A 384 30.66 -25.99 -14.80
C ASN A 384 30.03 -25.76 -13.42
N GLN A 385 30.07 -26.79 -12.58
CA GLN A 385 29.42 -26.70 -11.27
C GLN A 385 30.13 -25.67 -10.38
N ASN A 386 31.43 -25.50 -10.55
CA ASN A 386 32.15 -24.46 -9.81
C ASN A 386 31.70 -23.07 -10.23
N GLN A 387 31.40 -22.88 -11.52
CA GLN A 387 30.89 -21.58 -11.98
C GLN A 387 29.47 -21.34 -11.48
N ILE A 388 28.62 -22.37 -11.51
CA ILE A 388 27.22 -22.20 -11.13
C ILE A 388 27.11 -21.83 -9.67
N ASP A 389 27.85 -22.53 -8.80
CA ASP A 389 27.87 -22.17 -7.38
C ASP A 389 28.42 -20.77 -7.18
N SER A 390 29.42 -20.38 -7.99
CA SER A 390 29.99 -19.04 -7.89
C SER A 390 28.98 -17.99 -8.32
N LEU A 391 28.33 -18.19 -9.47
CA LEU A 391 27.34 -17.24 -9.95
C LEU A 391 26.10 -17.19 -9.07
N SER A 392 25.83 -18.26 -8.31
CA SER A 392 24.64 -18.29 -7.46
C SER A 392 24.79 -17.41 -6.23
N LYS A 393 26.01 -17.00 -5.88
CA LYS A 393 26.24 -16.21 -4.68
C LYS A 393 26.27 -14.71 -4.91
N LEU A 394 26.31 -14.27 -6.17
CA LEU A 394 26.39 -12.85 -6.48
C LEU A 394 25.03 -12.19 -6.31
N GLU A 395 25.03 -10.97 -5.76
CA GLU A 395 23.82 -10.20 -5.51
C GLU A 395 23.76 -9.07 -6.54
N PHE A 396 22.81 -9.18 -7.48
CA PHE A 396 22.59 -8.16 -8.49
C PHE A 396 21.25 -7.48 -8.28
N LYS A 397 21.18 -6.20 -8.64
CA LYS A 397 19.94 -5.45 -8.56
C LYS A 397 20.01 -4.28 -9.54
N ASP A 398 18.90 -3.55 -9.65
CA ASP A 398 18.77 -2.31 -10.41
C ASP A 398 18.78 -2.54 -11.92
N HIS A 399 18.08 -1.66 -12.66
CA HIS A 399 17.94 -1.78 -14.10
C HIS A 399 18.19 -0.42 -14.75
N LEU A 400 18.61 -0.47 -16.01
CA LEU A 400 18.63 0.73 -16.84
C LEU A 400 17.19 1.10 -17.24
N ASN A 401 17.06 2.15 -18.04
CA ASN A 401 15.76 2.55 -18.56
C ASN A 401 15.52 2.06 -19.98
N ILE A 402 16.47 1.34 -20.57
CA ILE A 402 16.32 0.79 -21.91
C ILE A 402 16.61 -0.71 -21.88
N SER A 403 16.10 -1.40 -22.90
CA SER A 403 16.14 -2.85 -22.95
C SER A 403 17.45 -3.36 -23.55
N PHE A 404 17.63 -4.69 -23.51
CA PHE A 404 18.72 -5.33 -24.22
C PHE A 404 18.61 -5.12 -25.72
N LYS A 405 17.39 -5.09 -26.24
CA LYS A 405 17.19 -4.90 -27.68
C LYS A 405 17.73 -3.55 -28.13
N ALA A 406 17.48 -2.50 -27.33
CA ALA A 406 18.02 -1.18 -27.67
C ALA A 406 19.52 -1.11 -27.44
N LEU A 407 20.02 -1.83 -26.42
CA LEU A 407 21.45 -1.82 -26.16
C LEU A 407 22.23 -2.50 -27.29
N LYS A 408 21.67 -3.57 -27.87
CA LYS A 408 22.33 -4.26 -28.97
C LYS A 408 22.50 -3.36 -30.18
N LEU A 409 21.70 -2.30 -30.31
CA LEU A 409 21.77 -1.38 -31.44
C LEU A 409 22.61 -0.14 -31.16
N VAL A 410 22.43 0.47 -29.98
CA VAL A 410 23.10 1.73 -29.69
C VAL A 410 24.57 1.49 -29.34
N THR A 411 24.85 0.43 -28.60
CA THR A 411 26.22 0.19 -28.13
C THR A 411 27.24 0.02 -29.25
N PRO A 412 26.97 -0.70 -30.35
CA PRO A 412 27.99 -0.78 -31.42
C PRO A 412 28.35 0.56 -32.00
N LEU A 413 27.38 1.47 -32.15
CA LEU A 413 27.69 2.79 -32.70
C LEU A 413 28.47 3.62 -31.69
N MET A 414 28.13 3.51 -30.41
CA MET A 414 28.89 4.23 -29.38
C MET A 414 30.30 3.65 -29.23
N LEU A 415 30.48 2.37 -29.53
CA LEU A 415 31.82 1.80 -29.56
C LEU A 415 32.70 2.52 -30.57
N GLU A 416 32.11 2.99 -31.67
CA GLU A 416 32.82 3.77 -32.68
C GLU A 416 33.03 5.22 -32.24
N GLY A 417 32.70 5.55 -31.00
CA GLY A 417 32.90 6.90 -30.48
C GLY A 417 31.74 7.85 -30.65
N LYS A 418 30.56 7.34 -31.04
CA LYS A 418 29.41 8.20 -31.27
C LYS A 418 28.62 8.39 -29.98
N LYS A 419 28.09 9.58 -29.79
CA LYS A 419 27.29 9.89 -28.62
C LYS A 419 25.97 9.13 -28.67
N TYR A 420 25.26 9.16 -27.53
CA TYR A 420 23.99 8.44 -27.43
C TYR A 420 22.95 8.99 -28.42
N ASP A 421 22.86 10.32 -28.54
CA ASP A 421 21.88 10.90 -29.44
C ASP A 421 22.25 10.64 -30.90
N GLU A 422 23.54 10.68 -31.22
CA GLU A 422 23.96 10.41 -32.60
C GLU A 422 23.65 8.97 -32.98
N ALA A 423 23.84 8.03 -32.05
CA ALA A 423 23.51 6.65 -32.34
C ALA A 423 22.01 6.47 -32.55
N CYS A 424 21.20 7.14 -31.74
CA CYS A 424 19.75 7.02 -31.88
C CYS A 424 19.26 7.65 -33.19
N ASN A 425 19.86 8.76 -33.60
CA ASN A 425 19.45 9.39 -34.84
C ASN A 425 19.87 8.56 -36.05
N GLU A 426 21.06 7.95 -35.99
CA GLU A 426 21.51 7.11 -37.10
C GLU A 426 20.67 5.85 -37.22
N LEU A 427 20.21 5.31 -36.09
CA LEU A 427 19.38 4.11 -36.07
C LEU A 427 17.90 4.43 -36.25
N ASN A 428 17.52 5.71 -36.28
CA ASN A 428 16.11 6.12 -36.33
C ASN A 428 15.35 5.57 -35.13
N LEU A 429 15.97 5.63 -33.96
CA LEU A 429 15.32 5.23 -32.71
C LEU A 429 14.63 6.44 -32.09
N LYS A 430 13.31 6.35 -31.96
CA LYS A 430 12.50 7.41 -31.37
C LYS A 430 11.79 6.87 -30.14
N VAL A 431 11.74 7.69 -29.09
CA VAL A 431 11.02 7.31 -27.88
C VAL A 431 9.55 7.09 -28.21
N ALA A 432 8.98 6.04 -27.64
CA ALA A 432 7.59 5.71 -27.91
C ALA A 432 6.67 6.80 -27.36
N ILE A 433 5.67 7.18 -28.16
CA ILE A 433 4.69 8.19 -27.77
C ILE A 433 3.39 7.87 -28.47
N ASN A 434 2.27 8.21 -27.82
CA ASN A 434 0.97 7.90 -28.38
C ASN A 434 0.68 8.76 -29.61
N GLU A 435 0.04 8.15 -30.61
CA GLU A 435 -0.31 8.84 -31.85
C GLU A 435 -1.81 9.01 -32.05
N ASP A 436 -2.62 8.09 -31.53
CA ASP A 436 -4.07 8.15 -31.72
C ASP A 436 -4.69 8.92 -30.54
N LYS A 437 -5.07 10.16 -30.79
CA LYS A 437 -5.73 10.99 -29.79
C LYS A 437 -7.23 10.78 -29.86
N LYS A 438 -7.87 10.72 -28.68
CA LYS A 438 -9.28 10.37 -28.56
C LYS A 438 -10.12 11.60 -28.23
N ASP A 439 -11.42 11.46 -28.45
CA ASP A 439 -12.36 12.52 -28.07
C ASP A 439 -12.43 12.67 -26.56
N PHE A 440 -12.52 11.55 -25.85
CA PHE A 440 -12.51 11.53 -24.39
C PHE A 440 -11.19 10.99 -23.89
N LEU A 441 -10.81 11.43 -22.70
CA LEU A 441 -9.56 10.96 -22.11
C LEU A 441 -9.71 9.50 -21.71
N PRO A 442 -8.89 8.59 -22.23
CA PRO A 442 -9.03 7.18 -21.88
C PRO A 442 -8.53 6.92 -20.47
N ALA A 443 -8.82 5.70 -20.00
CA ALA A 443 -8.37 5.30 -18.67
C ALA A 443 -6.87 5.45 -18.54
N PHE A 444 -6.43 6.08 -17.44
CA PHE A 444 -5.00 6.25 -17.20
C PHE A 444 -4.26 4.92 -17.16
N ASN A 445 -4.96 3.83 -16.84
CA ASN A 445 -4.37 2.51 -16.83
C ASN A 445 -3.93 2.04 -18.21
N GLU A 446 -4.53 2.59 -19.27
CA GLU A 446 -4.26 2.15 -20.63
C GLU A 446 -3.18 2.96 -21.32
N THR A 447 -2.55 3.91 -20.62
CA THR A 447 -1.46 4.69 -21.17
C THR A 447 -0.12 4.12 -20.72
N TYR A 448 0.94 4.51 -21.42
CA TYR A 448 2.27 4.07 -21.01
C TYR A 448 2.78 4.82 -19.79
N TYR A 449 2.03 5.78 -19.26
CA TYR A 449 2.36 6.42 -18.00
C TYR A 449 1.93 5.60 -16.79
N LYS A 450 1.28 4.45 -17.01
CA LYS A 450 0.67 3.71 -15.90
C LYS A 450 1.73 3.14 -14.97
N ASP A 451 2.71 2.41 -15.51
CA ASP A 451 3.71 1.75 -14.69
C ASP A 451 4.54 2.73 -13.86
N GLU A 452 4.48 4.03 -14.16
CA GLU A 452 5.23 5.01 -13.40
C GLU A 452 4.61 5.29 -12.03
N VAL A 453 3.33 4.98 -11.84
CA VAL A 453 2.59 5.40 -10.66
C VAL A 453 2.08 4.16 -9.94
N THR A 454 2.59 3.94 -8.72
CA THR A 454 2.07 2.92 -7.82
C THR A 454 1.23 3.48 -6.70
N ASN A 455 1.34 4.77 -6.41
CA ASN A 455 0.68 5.37 -5.25
C ASN A 455 -0.82 5.45 -5.48
N PRO A 456 -1.65 4.75 -4.70
CA PRO A 456 -3.10 4.85 -4.89
C PRO A 456 -3.64 6.26 -4.68
N VAL A 457 -2.93 7.08 -3.91
CA VAL A 457 -3.35 8.48 -3.75
C VAL A 457 -3.27 9.22 -5.07
N VAL A 458 -2.18 9.01 -5.84
CA VAL A 458 -2.05 9.69 -7.11
C VAL A 458 -3.04 9.11 -8.12
N LEU A 459 -3.16 7.78 -8.17
CA LEU A 459 -4.13 7.16 -9.06
C LEU A 459 -5.54 7.65 -8.78
N ARG A 460 -5.86 7.90 -7.51
CA ARG A 460 -7.19 8.40 -7.15
C ARG A 460 -7.43 9.79 -7.74
N ALA A 461 -6.47 10.70 -7.58
CA ALA A 461 -6.64 12.06 -8.07
C ALA A 461 -6.76 12.09 -9.59
N ILE A 462 -5.95 11.28 -10.28
CA ILE A 462 -6.01 11.26 -11.74
C ILE A 462 -7.34 10.69 -12.22
N LYS A 463 -7.87 9.69 -11.51
CA LYS A 463 -9.15 9.11 -11.87
C LYS A 463 -10.26 10.15 -11.80
N GLU A 464 -10.33 10.90 -10.69
CA GLU A 464 -11.34 11.93 -10.55
C GLU A 464 -11.14 13.07 -11.53
N TYR A 465 -9.89 13.35 -11.90
CA TYR A 465 -9.65 14.34 -12.95
C TYR A 465 -10.24 13.87 -14.28
N ARG A 466 -10.03 12.60 -14.63
CA ARG A 466 -10.55 12.08 -15.88
C ARG A 466 -12.08 12.08 -15.88
N LYS A 467 -12.69 11.66 -14.77
CA LYS A 467 -14.14 11.61 -14.70
C LYS A 467 -14.77 12.99 -14.87
N VAL A 468 -14.21 13.99 -14.20
CA VAL A 468 -14.75 15.34 -14.31
C VAL A 468 -14.51 15.90 -15.70
N LEU A 469 -13.32 15.68 -16.26
CA LEU A 469 -13.02 16.20 -17.60
C LEU A 469 -13.93 15.56 -18.64
N ASN A 470 -14.07 14.23 -18.61
CA ASN A 470 -14.90 13.56 -19.60
C ASN A 470 -16.37 13.93 -19.46
N ALA A 471 -16.83 14.20 -18.24
CA ALA A 471 -18.19 14.68 -18.06
C ALA A 471 -18.38 16.05 -18.69
N LEU A 472 -17.40 16.93 -18.56
CA LEU A 472 -17.47 18.23 -19.22
C LEU A 472 -17.43 18.09 -20.73
N LEU A 473 -16.60 17.18 -21.24
CA LEU A 473 -16.53 16.95 -22.68
C LEU A 473 -17.86 16.44 -23.22
N LYS A 474 -18.54 15.58 -22.47
CA LYS A 474 -19.84 15.10 -22.90
C LYS A 474 -20.89 16.19 -22.87
N LYS A 475 -20.76 17.15 -21.94
CA LYS A 475 -21.79 18.18 -21.77
C LYS A 475 -21.63 19.32 -22.78
N TYR A 476 -20.39 19.70 -23.10
CA TYR A 476 -20.15 20.88 -23.92
C TYR A 476 -19.36 20.60 -25.20
N GLY A 477 -18.82 19.41 -25.38
CA GLY A 477 -18.06 19.11 -26.59
C GLY A 477 -16.60 19.50 -26.48
N LYS A 478 -15.92 19.39 -27.62
CA LYS A 478 -14.47 19.61 -27.66
C LYS A 478 -14.13 21.04 -27.24
N VAL A 479 -12.89 21.19 -26.73
CA VAL A 479 -12.41 22.45 -26.18
C VAL A 479 -11.06 22.76 -26.80
N HIS A 480 -10.66 24.04 -26.75
CA HIS A 480 -9.40 24.44 -27.34
C HIS A 480 -8.22 24.22 -26.37
N LYS A 481 -8.43 24.47 -25.08
CA LYS A 481 -7.32 24.55 -24.15
C LYS A 481 -7.72 24.00 -22.79
N ILE A 482 -6.72 23.53 -22.05
CA ILE A 482 -6.89 23.07 -20.68
C ILE A 482 -5.75 23.64 -19.84
N ASN A 483 -6.09 24.27 -18.71
CA ASN A 483 -5.12 24.81 -17.79
C ASN A 483 -5.18 24.03 -16.49
N ILE A 484 -4.03 23.83 -15.85
CA ILE A 484 -3.89 22.93 -14.70
C ILE A 484 -2.93 23.54 -13.69
N GLU A 485 -3.26 23.38 -12.41
CA GLU A 485 -2.38 23.78 -11.31
C GLU A 485 -2.70 22.92 -10.09
N LEU A 486 -1.68 22.69 -9.27
CA LEU A 486 -1.87 21.95 -8.03
C LEU A 486 -1.90 22.90 -6.83
N GLY A 491 4.32 18.58 -4.13
CA GLY A 491 4.53 17.61 -5.20
C GLY A 491 3.97 18.09 -6.52
N GLY A 492 4.75 18.91 -7.24
CA GLY A 492 4.31 19.46 -8.51
C GLY A 492 4.45 18.52 -9.69
N TYR A 493 5.17 17.41 -9.53
CA TYR A 493 5.32 16.46 -10.63
C TYR A 493 3.99 15.85 -11.05
N ILE A 494 3.00 15.82 -10.14
CA ILE A 494 1.69 15.29 -10.50
C ILE A 494 1.01 16.18 -11.53
N ALA A 495 1.27 17.50 -11.48
CA ALA A 495 0.73 18.38 -12.51
C ALA A 495 1.39 18.11 -13.85
N ARG A 496 2.71 17.97 -13.87
CA ARG A 496 3.41 17.63 -15.11
C ARG A 496 2.97 16.28 -15.64
N LEU A 497 2.59 15.36 -14.74
CA LEU A 497 2.11 14.05 -15.17
C LEU A 497 0.73 14.17 -15.81
N VAL A 498 -0.19 14.87 -15.14
CA VAL A 498 -1.54 15.04 -15.70
C VAL A 498 -1.48 15.80 -17.02
N LEU A 499 -0.56 16.76 -17.12
CA LEU A 499 -0.44 17.54 -18.36
C LEU A 499 0.05 16.68 -19.51
N ASN A 500 1.13 15.91 -19.30
CA ASN A 500 1.64 15.04 -20.35
C ASN A 500 0.63 13.97 -20.72
N TYR A 501 -0.10 13.45 -19.72
CA TYR A 501 -1.12 12.44 -19.95
C TYR A 501 -2.29 13.02 -20.75
N THR A 502 -2.56 14.32 -20.60
CA THR A 502 -3.68 14.92 -21.31
C THR A 502 -3.33 15.26 -22.75
N LYS A 503 -2.13 15.82 -22.99
CA LYS A 503 -1.77 16.22 -24.35
C LYS A 503 -1.33 15.03 -25.21
N ASP A 504 -0.99 13.90 -24.60
CA ASP A 504 -0.61 12.73 -25.38
C ASP A 504 -1.81 11.94 -25.88
N TYR A 505 -2.99 12.09 -25.26
CA TYR A 505 -4.10 11.20 -25.52
C TYR A 505 -5.43 11.89 -25.82
N LEU A 506 -5.54 13.20 -25.67
CA LEU A 506 -6.80 13.90 -25.90
C LEU A 506 -6.71 14.72 -27.18
N ASP A 507 -7.78 14.67 -27.98
CA ASP A 507 -7.88 15.44 -29.21
C ASP A 507 -8.62 16.75 -28.92
N PHE A 508 -8.03 17.86 -29.33
CA PHE A 508 -8.56 19.19 -29.05
C PHE A 508 -9.13 19.81 -30.32
N LEU A 509 -9.81 20.94 -30.14
CA LEU A 509 -10.26 21.73 -31.27
C LEU A 509 -9.06 22.40 -31.94
N PRO A 510 -9.03 22.47 -33.27
CA PRO A 510 -7.98 23.23 -33.94
C PRO A 510 -8.08 24.71 -33.57
N LEU A 511 -6.95 25.27 -33.13
CA LEU A 511 -6.86 26.69 -32.83
C LEU A 511 -6.27 27.50 -33.98
N SER A 512 -5.95 26.87 -35.11
CA SER A 512 -5.30 27.55 -36.23
C SER A 512 -5.94 27.19 -37.55
N ASP A 513 -5.17 27.25 -38.63
CA ASP A 513 -5.67 26.96 -39.98
C ASP A 513 -6.29 25.57 -40.06
N VAL A 528 0.09 23.99 -28.73
CA VAL A 528 0.05 23.74 -27.29
C VAL A 528 -1.36 23.93 -26.77
N HIS A 529 -2.03 22.82 -26.47
CA HIS A 529 -3.40 22.86 -25.96
C HIS A 529 -3.50 22.69 -24.45
N VAL A 530 -2.49 22.11 -23.82
CA VAL A 530 -2.47 21.90 -22.38
C VAL A 530 -1.32 22.71 -21.81
N GLU A 531 -1.64 23.57 -20.83
CA GLU A 531 -0.64 24.42 -20.21
C GLU A 531 -0.80 24.39 -18.70
N ALA A 532 0.30 24.67 -18.00
CA ALA A 532 0.32 24.73 -16.55
C ALA A 532 0.41 26.18 -16.10
N LYS A 533 -0.29 26.50 -15.02
CA LYS A 533 -0.28 27.85 -14.45
C LYS A 533 0.62 27.87 -13.22
N SER A 534 1.44 28.91 -13.11
CA SER A 534 2.40 29.01 -12.04
C SER A 534 1.70 29.24 -10.70
N GLY A 535 2.00 28.38 -9.73
CA GLY A 535 1.36 28.49 -8.43
C GLY A 535 1.62 29.81 -7.73
N MET A 536 2.86 30.31 -7.84
CA MET A 536 3.17 31.62 -7.27
C MET A 536 2.41 32.73 -7.98
N LEU A 537 2.10 32.54 -9.27
CA LEU A 537 1.31 33.52 -10.00
C LEU A 537 -0.15 33.46 -9.60
N THR A 538 -0.70 32.25 -9.45
CA THR A 538 -2.11 32.12 -9.09
C THR A 538 -2.35 32.61 -7.66
N SER A 539 -1.40 32.42 -6.76
CA SER A 539 -1.54 32.94 -5.41
C SER A 539 -1.45 34.46 -5.40
N ALA A 540 -0.67 35.05 -6.32
CA ALA A 540 -0.60 36.50 -6.41
C ALA A 540 -1.88 37.09 -7.00
N LEU A 541 -2.51 36.38 -7.93
CA LEU A 541 -3.79 36.83 -8.47
C LEU A 541 -4.89 36.74 -7.42
N ARG A 542 -4.83 35.74 -6.54
CA ARG A 542 -5.82 35.62 -5.47
C ARG A 542 -5.81 36.84 -4.58
N HIS A 543 -4.61 37.34 -4.24
CA HIS A 543 -4.50 38.55 -3.43
C HIS A 543 -4.89 39.78 -4.23
N THR A 544 -4.60 39.80 -5.54
CA THR A 544 -4.93 40.95 -6.37
C THR A 544 -6.44 41.08 -6.55
N TRP A 545 -7.11 39.98 -6.91
CA TRP A 545 -8.54 39.99 -7.19
C TRP A 545 -9.39 39.91 -5.92
N GLY A 546 -8.81 40.14 -4.74
CA GLY A 546 -9.57 40.13 -3.51
C GLY A 546 -10.08 38.78 -3.06
N PHE A 547 -9.79 37.70 -3.79
CA PHE A 547 -10.22 36.36 -3.44
C PHE A 547 -9.33 35.72 -2.37
N SER A 548 -8.40 36.48 -1.78
CA SER A 548 -7.35 35.88 -0.96
C SER A 548 -7.92 35.11 0.23
N ALA A 549 -8.98 35.63 0.85
CA ALA A 549 -9.59 35.01 2.03
C ALA A 549 -11.09 34.93 1.87
N LYS A 550 -11.56 34.64 0.66
CA LYS A 550 -12.99 34.60 0.38
C LYS A 550 -13.67 33.45 1.11
N ASP A 551 -13.44 32.23 0.66
CA ASP A 551 -14.10 31.05 1.21
C ASP A 551 -13.08 29.99 1.62
N ARG A 552 -12.08 30.41 2.39
CA ARG A 552 -11.00 29.50 2.77
C ARG A 552 -11.48 28.37 3.67
N ASN A 553 -12.61 28.52 4.35
CA ASN A 553 -13.07 27.53 5.31
C ASN A 553 -14.09 26.55 4.74
N ASN A 554 -14.57 26.76 3.52
CA ASN A 554 -15.54 25.86 2.90
C ASN A 554 -15.00 25.33 1.59
N HIS A 555 -15.81 24.49 0.94
CA HIS A 555 -15.38 23.77 -0.26
C HIS A 555 -15.39 24.62 -1.52
N LEU A 556 -16.03 25.79 -1.50
CA LEU A 556 -16.19 26.58 -2.72
C LEU A 556 -14.90 27.22 -3.19
N HIS A 557 -13.90 27.37 -2.31
CA HIS A 557 -12.68 28.07 -2.71
C HIS A 557 -11.84 27.28 -3.70
N HIS A 558 -12.10 25.98 -3.87
CA HIS A 558 -11.41 25.24 -4.92
C HIS A 558 -11.88 25.67 -6.30
N ALA A 559 -13.10 26.18 -6.40
CA ALA A 559 -13.61 26.63 -7.70
C ALA A 559 -13.09 28.01 -8.06
N ILE A 560 -13.01 28.92 -7.07
CA ILE A 560 -12.46 30.24 -7.36
C ILE A 560 -11.00 30.14 -7.77
N ASP A 561 -10.29 29.13 -7.28
CA ASP A 561 -8.94 28.88 -7.76
C ASP A 561 -8.95 28.43 -9.22
N ALA A 562 -9.88 27.56 -9.58
CA ALA A 562 -10.00 27.13 -10.98
C ALA A 562 -10.39 28.29 -11.87
N VAL A 563 -11.22 29.20 -11.37
CA VAL A 563 -11.52 30.43 -12.11
C VAL A 563 -10.25 31.24 -12.31
N ILE A 564 -9.35 31.23 -11.32
CA ILE A 564 -8.08 31.92 -11.47
C ILE A 564 -7.20 31.20 -12.50
N ILE A 565 -7.19 29.87 -12.48
CA ILE A 565 -6.35 29.12 -13.41
C ILE A 565 -6.76 29.42 -14.85
N ALA A 566 -8.06 29.62 -15.09
CA ALA A 566 -8.52 29.90 -16.44
C ALA A 566 -8.14 31.29 -16.92
N TYR A 567 -7.88 32.22 -16.01
CA TYR A 567 -7.54 33.59 -16.38
C TYR A 567 -6.15 33.97 -15.87
N ARG A 614 -15.86 39.85 -11.74
CA ARG A 614 -15.61 39.90 -10.30
C ARG A 614 -16.84 39.44 -9.52
N GLN A 615 -17.83 40.33 -9.39
CA GLN A 615 -19.06 39.93 -8.72
C GLN A 615 -19.86 38.95 -9.56
N LYS A 616 -19.71 39.02 -10.88
CA LYS A 616 -20.31 38.01 -11.75
C LYS A 616 -19.67 36.65 -11.56
N VAL A 617 -18.38 36.62 -11.21
CA VAL A 617 -17.72 35.36 -10.91
C VAL A 617 -18.29 34.75 -9.63
N LEU A 618 -18.54 35.59 -8.61
CA LEU A 618 -19.13 35.09 -7.37
C LEU A 618 -20.57 34.63 -7.58
N ASP A 619 -21.26 35.19 -8.57
CA ASP A 619 -22.59 34.70 -8.91
C ASP A 619 -22.55 33.25 -9.36
N LYS A 620 -21.54 32.90 -10.15
CA LYS A 620 -21.40 31.52 -10.60
C LYS A 620 -21.05 30.59 -9.45
N ILE A 621 -20.20 31.06 -8.52
CA ILE A 621 -19.77 30.23 -7.40
C ILE A 621 -20.97 29.90 -6.50
N ASP A 622 -21.88 30.86 -6.32
CA ASP A 622 -23.05 30.63 -5.49
C ASP A 622 -24.01 29.61 -6.11
N GLU A 623 -23.87 29.32 -7.40
CA GLU A 623 -24.71 28.33 -8.07
C GLU A 623 -24.14 26.93 -7.97
N ILE A 624 -22.90 26.78 -7.52
CA ILE A 624 -22.27 25.47 -7.44
C ILE A 624 -22.97 24.61 -6.40
N PHE A 625 -23.21 23.35 -6.75
CA PHE A 625 -23.56 22.32 -5.77
C PHE A 625 -22.40 21.36 -5.70
N VAL A 626 -21.70 21.34 -4.56
CA VAL A 626 -20.50 20.53 -4.42
C VAL A 626 -20.84 19.06 -4.58
N SER A 627 -20.09 18.38 -5.45
CA SER A 627 -20.35 16.99 -5.78
C SER A 627 -19.47 16.07 -4.95
N LYS A 628 -20.09 15.08 -4.32
CA LYS A 628 -19.40 14.03 -3.59
C LYS A 628 -19.95 12.68 -4.02
N PRO A 629 -19.10 11.70 -4.27
CA PRO A 629 -19.58 10.38 -4.67
C PRO A 629 -20.00 9.55 -3.47
N GLU A 630 -21.04 8.75 -3.67
CA GLU A 630 -21.44 7.81 -2.63
C GLU A 630 -20.44 6.68 -2.54
N ARG A 631 -20.10 6.27 -1.31
CA ARG A 631 -19.05 5.28 -1.06
C ARG A 631 -19.71 3.92 -0.90
N LYS A 632 -19.72 3.14 -1.97
CA LYS A 632 -20.44 1.87 -1.99
C LYS A 632 -19.54 0.67 -1.70
N LYS A 633 -18.28 0.90 -1.37
CA LYS A 633 -17.36 -0.22 -1.18
C LYS A 633 -17.80 -1.08 0.00
N PRO A 634 -18.07 -2.37 -0.20
CA PRO A 634 -18.48 -3.24 0.90
C PRO A 634 -17.34 -3.92 1.62
N SER A 635 -16.11 -3.75 1.16
CA SER A 635 -14.97 -4.42 1.76
C SER A 635 -14.30 -3.53 2.80
N GLY A 636 -13.65 -4.17 3.75
CA GLY A 636 -12.96 -3.48 4.82
C GLY A 636 -12.75 -4.43 5.98
N ALA A 637 -12.16 -3.90 7.04
CA ALA A 637 -12.04 -4.67 8.27
C ALA A 637 -13.42 -5.17 8.69
N LEU A 638 -13.53 -6.48 8.93
CA LEU A 638 -14.81 -7.07 9.28
C LEU A 638 -15.23 -6.75 10.71
N HIS A 639 -14.33 -6.22 11.52
CA HIS A 639 -14.58 -6.00 12.93
C HIS A 639 -13.39 -5.23 13.51
N GLU A 640 -13.58 -4.68 14.70
CA GLU A 640 -12.46 -4.11 15.42
C GLU A 640 -11.44 -5.20 15.74
N GLU A 641 -10.20 -4.77 15.96
CA GLU A 641 -9.11 -5.72 16.18
C GLU A 641 -8.90 -6.08 17.65
N THR A 642 -9.58 -5.42 18.57
CA THR A 642 -9.45 -5.72 19.99
C THR A 642 -10.42 -6.84 20.36
N PHE A 643 -9.87 -7.98 20.79
CA PHE A 643 -10.69 -9.06 21.32
C PHE A 643 -11.13 -8.70 22.73
N ARG A 644 -12.41 -8.89 23.02
CA ARG A 644 -12.99 -8.45 24.28
C ARG A 644 -13.65 -9.61 25.01
N LYS A 645 -13.68 -9.50 26.34
CA LYS A 645 -14.43 -10.43 27.16
C LYS A 645 -15.90 -10.05 27.16
N GLU A 646 -16.77 -11.05 27.20
CA GLU A 646 -18.20 -10.77 27.17
C GLU A 646 -18.66 -9.98 28.38
N GLU A 647 -17.91 -10.04 29.49
CA GLU A 647 -18.25 -9.26 30.68
C GLU A 647 -18.20 -7.76 30.42
N GLU A 648 -17.42 -7.32 29.43
CA GLU A 648 -17.34 -5.89 29.14
C GLU A 648 -18.68 -5.31 28.72
N PHE A 649 -19.59 -6.15 28.21
CA PHE A 649 -20.89 -5.71 27.72
C PHE A 649 -22.03 -6.03 28.67
N TYR A 650 -21.76 -6.66 29.82
CA TYR A 650 -22.83 -7.04 30.74
C TYR A 650 -23.62 -5.83 31.20
N GLN A 651 -22.94 -4.76 31.59
CA GLN A 651 -23.65 -3.58 32.12
C GLN A 651 -24.47 -2.89 31.03
N SER A 652 -23.91 -2.75 29.84
CA SER A 652 -24.60 -2.00 28.80
C SER A 652 -25.73 -2.80 28.16
N TYR A 653 -25.54 -4.10 27.97
CA TYR A 653 -26.50 -4.91 27.22
C TYR A 653 -27.47 -5.68 28.09
N GLY A 654 -27.14 -5.93 29.36
CA GLY A 654 -28.01 -6.69 30.24
C GLY A 654 -27.52 -8.10 30.52
N GLY A 655 -26.26 -8.22 30.96
CA GLY A 655 -25.71 -9.51 31.33
C GLY A 655 -25.54 -10.46 30.16
N LYS A 656 -25.53 -11.75 30.50
CA LYS A 656 -25.36 -12.79 29.49
C LYS A 656 -26.50 -12.79 28.48
N GLU A 657 -27.73 -12.55 28.96
CA GLU A 657 -28.88 -12.57 28.06
C GLU A 657 -28.77 -11.46 27.02
N GLY A 658 -28.26 -10.29 27.41
CA GLY A 658 -28.12 -9.20 26.48
C GLY A 658 -27.00 -9.42 25.48
N VAL A 659 -25.92 -10.07 25.90
CA VAL A 659 -24.81 -10.33 24.99
C VAL A 659 -25.25 -11.29 23.89
N LEU A 660 -25.95 -12.37 24.27
CA LEU A 660 -26.45 -13.31 23.28
C LEU A 660 -27.42 -12.64 22.33
N LYS A 661 -28.22 -11.70 22.83
CA LYS A 661 -29.15 -10.98 21.96
C LYS A 661 -28.39 -10.03 21.03
N ALA A 662 -27.39 -9.32 21.54
CA ALA A 662 -26.56 -8.47 20.70
C ALA A 662 -25.87 -9.28 19.62
N LEU A 663 -25.43 -10.50 19.96
CA LEU A 663 -24.82 -11.36 18.94
C LEU A 663 -25.84 -11.76 17.88
N GLU A 664 -27.09 -12.02 18.28
CA GLU A 664 -28.10 -12.42 17.32
C GLU A 664 -28.50 -11.27 16.41
N LEU A 665 -28.32 -10.03 16.85
CA LEU A 665 -28.70 -8.86 16.06
C LEU A 665 -27.55 -8.28 15.25
N GLY A 666 -26.32 -8.68 15.52
CA GLY A 666 -25.17 -8.13 14.83
C GLY A 666 -24.57 -6.90 15.46
N LYS A 667 -25.01 -6.52 16.65
CA LYS A 667 -24.41 -5.38 17.34
C LYS A 667 -22.98 -5.68 17.75
N ILE A 668 -22.65 -6.96 17.94
CA ILE A 668 -21.29 -7.43 18.14
C ILE A 668 -21.15 -8.75 17.41
N ARG A 669 -19.91 -9.13 17.16
CA ARG A 669 -19.60 -10.37 16.46
C ARG A 669 -18.76 -11.28 17.36
N LYS A 670 -18.81 -12.57 17.04
CA LYS A 670 -17.99 -13.57 17.71
C LYS A 670 -17.21 -14.30 16.62
N VAL A 671 -15.93 -13.98 16.46
CA VAL A 671 -15.06 -14.63 15.48
C VAL A 671 -14.02 -15.45 16.25
N ASN A 672 -13.89 -16.72 15.87
CA ASN A 672 -12.93 -17.63 16.50
C ASN A 672 -13.11 -17.68 18.02
N GLY A 673 -14.35 -17.56 18.47
CA GLY A 673 -14.62 -17.53 19.89
C GLY A 673 -14.27 -16.24 20.59
N LYS A 674 -14.07 -15.16 19.84
CA LYS A 674 -13.64 -13.87 20.40
C LYS A 674 -14.71 -12.83 20.12
N ILE A 675 -15.08 -12.06 21.15
CA ILE A 675 -16.06 -10.99 21.01
C ILE A 675 -15.37 -9.77 20.42
N VAL A 676 -15.96 -9.20 19.36
CA VAL A 676 -15.40 -8.03 18.68
C VAL A 676 -16.54 -7.10 18.28
N LYS A 677 -16.23 -5.81 18.24
CA LYS A 677 -17.18 -4.82 17.77
C LYS A 677 -17.20 -4.78 16.24
N ASN A 678 -18.20 -4.11 15.69
CA ASN A 678 -18.38 -4.07 14.25
C ASN A 678 -17.27 -3.26 13.59
N GLY A 679 -17.12 -3.49 12.28
CA GLY A 679 -16.36 -2.61 11.41
C GLY A 679 -17.27 -1.53 10.85
N ASP A 680 -16.87 -1.01 9.68
CA ASP A 680 -17.62 0.08 9.07
C ASP A 680 -19.04 -0.35 8.72
N MET A 681 -19.99 0.56 8.94
CA MET A 681 -21.35 0.40 8.47
C MET A 681 -21.44 1.06 7.11
N PHE A 682 -21.07 0.31 6.06
CA PHE A 682 -20.97 0.91 4.74
C PHE A 682 -22.31 1.20 4.10
N ARG A 683 -23.39 0.64 4.63
CA ARG A 683 -24.70 0.76 4.00
C ARG A 683 -25.79 0.70 5.06
N VAL A 684 -26.88 1.43 4.82
CA VAL A 684 -28.08 1.34 5.64
C VAL A 684 -29.28 1.33 4.71
N ASP A 685 -30.21 0.39 4.95
CA ASP A 685 -31.39 0.25 4.12
C ASP A 685 -32.58 0.90 4.81
N ILE A 686 -33.22 1.83 4.13
CA ILE A 686 -34.32 2.62 4.68
C ILE A 686 -35.63 1.98 4.26
N PHE A 687 -36.51 1.72 5.22
CA PHE A 687 -37.84 1.19 4.98
C PHE A 687 -38.88 2.21 5.44
N LYS A 688 -40.11 1.97 5.02
CA LYS A 688 -41.22 2.84 5.36
C LYS A 688 -42.45 1.97 5.64
N HIS A 689 -43.03 2.12 6.83
CA HIS A 689 -44.25 1.40 7.13
C HIS A 689 -45.37 1.85 6.19
N LYS A 690 -46.07 0.89 5.60
CA LYS A 690 -47.02 1.19 4.54
C LYS A 690 -48.21 2.00 5.02
N LYS A 691 -48.54 1.96 6.32
CA LYS A 691 -49.74 2.62 6.81
C LYS A 691 -49.46 3.78 7.76
N THR A 692 -48.37 3.73 8.53
CA THR A 692 -48.04 4.84 9.41
C THR A 692 -47.08 5.84 8.78
N ASN A 693 -46.42 5.47 7.69
CA ASN A 693 -45.45 6.29 6.96
C ASN A 693 -44.20 6.59 7.78
N LYS A 694 -43.98 5.89 8.88
CA LYS A 694 -42.76 6.07 9.66
C LYS A 694 -41.61 5.30 9.04
N PHE A 695 -40.41 5.85 9.19
CA PHE A 695 -39.22 5.29 8.55
C PHE A 695 -38.45 4.40 9.53
N TYR A 696 -37.76 3.41 8.97
CA TYR A 696 -37.02 2.42 9.73
C TYR A 696 -35.73 2.08 8.98
N ALA A 697 -34.68 1.79 9.74
CA ALA A 697 -33.35 1.63 9.17
C ALA A 697 -32.74 0.30 9.58
N VAL A 698 -32.15 -0.40 8.61
CA VAL A 698 -31.43 -1.65 8.83
C VAL A 698 -29.94 -1.37 8.60
N PRO A 699 -29.11 -1.43 9.64
CA PRO A 699 -27.68 -1.17 9.45
C PRO A 699 -26.98 -2.40 8.87
N ILE A 700 -26.06 -2.14 7.94
CA ILE A 700 -25.37 -3.20 7.21
C ILE A 700 -23.86 -2.95 7.30
N TYR A 701 -23.15 -3.92 7.88
CA TYR A 701 -21.73 -3.79 8.20
C TYR A 701 -20.89 -4.66 7.27
N THR A 702 -19.57 -4.42 7.31
CA THR A 702 -18.66 -5.20 6.47
C THR A 702 -18.76 -6.68 6.76
N MET A 703 -18.95 -7.04 8.04
CA MET A 703 -19.09 -8.45 8.39
C MET A 703 -20.31 -9.07 7.72
N ASP A 704 -21.41 -8.31 7.62
CA ASP A 704 -22.63 -8.84 7.02
C ASP A 704 -22.41 -9.19 5.55
N PHE A 705 -21.66 -8.36 4.83
CA PHE A 705 -21.34 -8.68 3.44
C PHE A 705 -20.44 -9.91 3.37
N ALA A 706 -19.49 -10.04 4.31
CA ALA A 706 -18.64 -11.22 4.33
C ALA A 706 -19.45 -12.49 4.55
N LEU A 707 -20.44 -12.43 5.44
CA LEU A 707 -21.32 -13.56 5.69
C LEU A 707 -22.28 -13.81 4.54
N LYS A 708 -22.42 -12.86 3.62
CA LYS A 708 -23.36 -12.96 2.51
C LYS A 708 -24.80 -13.13 2.98
N VAL A 709 -25.10 -12.59 4.16
CA VAL A 709 -26.45 -12.63 4.72
C VAL A 709 -26.94 -11.19 4.85
N LEU A 710 -28.02 -10.87 4.16
CA LEU A 710 -28.56 -9.51 4.21
C LEU A 710 -29.44 -9.36 5.44
N PRO A 711 -29.08 -8.49 6.39
CA PRO A 711 -29.94 -8.31 7.58
C PRO A 711 -31.30 -7.77 7.18
N ASN A 712 -32.31 -8.11 7.99
CA ASN A 712 -33.68 -7.72 7.68
C ASN A 712 -34.45 -7.20 8.89
N LYS A 713 -33.74 -6.74 9.93
CA LYS A 713 -34.39 -6.22 11.13
C LYS A 713 -33.97 -4.77 11.34
N ALA A 714 -34.96 -3.90 11.50
CA ALA A 714 -34.70 -2.48 11.72
C ALA A 714 -34.46 -2.20 13.20
N VAL A 715 -33.60 -1.22 13.46
CA VAL A 715 -33.24 -0.88 14.83
C VAL A 715 -34.42 -0.29 15.57
N ALA A 716 -34.62 -0.71 16.81
CA ALA A 716 -35.57 -0.13 17.73
C ALA A 716 -34.84 0.43 18.93
N ARG A 717 -35.28 1.59 19.42
CA ARG A 717 -34.62 2.18 20.57
C ARG A 717 -34.81 1.31 21.80
N SER A 718 -33.83 1.36 22.70
CA SER A 718 -33.80 0.48 23.86
C SER A 718 -33.86 1.28 25.16
N LYS A 719 -34.22 0.58 26.23
CA LYS A 719 -34.08 1.13 27.57
C LYS A 719 -32.60 1.22 27.93
N LYS A 720 -32.33 1.72 29.13
CA LYS A 720 -30.96 2.08 29.52
C LYS A 720 -30.02 0.88 29.44
N GLY A 721 -30.35 -0.19 30.16
CA GLY A 721 -29.40 -1.29 30.28
C GLY A 721 -29.86 -2.61 29.70
N GLU A 722 -30.55 -2.59 28.57
CA GLU A 722 -30.98 -3.81 27.92
C GLU A 722 -31.12 -3.55 26.41
N ILE A 723 -31.49 -4.60 25.68
CA ILE A 723 -31.61 -4.53 24.22
C ILE A 723 -33.03 -4.90 23.84
N LYS A 724 -33.77 -3.94 23.31
CA LYS A 724 -35.13 -4.19 22.83
C LYS A 724 -35.08 -4.96 21.52
N ASP A 725 -36.11 -5.79 21.29
CA ASP A 725 -36.22 -6.52 20.03
C ASP A 725 -36.15 -5.57 18.84
N TRP A 726 -35.40 -5.96 17.82
CA TRP A 726 -35.45 -5.20 16.59
C TRP A 726 -36.67 -5.62 15.77
N ILE A 727 -36.99 -4.82 14.76
CA ILE A 727 -38.27 -4.93 14.06
C ILE A 727 -38.06 -5.65 12.74
N LEU A 728 -38.73 -6.78 12.57
CA LEU A 728 -38.66 -7.53 11.33
C LEU A 728 -39.32 -6.76 10.20
N MET A 729 -38.60 -6.59 9.08
CA MET A 729 -39.12 -5.88 7.91
C MET A 729 -39.90 -6.86 7.05
N ASP A 730 -41.16 -7.08 7.43
CA ASP A 730 -42.04 -8.00 6.74
C ASP A 730 -42.90 -7.25 5.72
N GLU A 731 -44.04 -7.85 5.34
CA GLU A 731 -44.89 -7.27 4.30
C GLU A 731 -45.52 -5.94 4.71
N ASN A 732 -45.40 -5.54 5.98
CA ASN A 732 -45.90 -4.24 6.42
C ASN A 732 -44.97 -3.09 6.08
N TYR A 733 -43.73 -3.38 5.69
CA TYR A 733 -42.74 -2.36 5.39
C TYR A 733 -42.26 -2.52 3.96
N GLU A 734 -42.11 -1.40 3.26
CA GLU A 734 -41.61 -1.40 1.89
C GLU A 734 -40.23 -0.77 1.86
N PHE A 735 -39.31 -1.43 1.14
CA PHE A 735 -37.97 -0.89 0.96
C PHE A 735 -38.03 0.40 0.15
N CYS A 736 -37.35 1.44 0.65
CA CYS A 736 -37.30 2.72 -0.03
C CYS A 736 -36.02 2.87 -0.86
N PHE A 737 -34.86 2.80 -0.21
CA PHE A 737 -33.58 2.96 -0.88
C PHE A 737 -32.48 2.55 0.09
N SER A 738 -31.28 2.37 -0.46
CA SER A 738 -30.08 2.08 0.31
C SER A 738 -29.21 3.33 0.36
N LEU A 739 -28.71 3.65 1.55
CA LEU A 739 -27.84 4.80 1.73
C LEU A 739 -26.41 4.33 2.03
N TYR A 740 -25.46 5.00 1.40
CA TYR A 740 -24.04 4.82 1.67
C TYR A 740 -23.47 6.15 2.11
N LYS A 741 -22.26 6.12 2.66
CA LYS A 741 -21.60 7.36 3.05
C LYS A 741 -21.53 8.32 1.88
N ASP A 742 -21.96 9.56 2.12
CA ASP A 742 -22.02 10.65 1.14
C ASP A 742 -23.10 10.44 0.08
N SER A 743 -24.10 9.62 0.36
CA SER A 743 -25.30 9.62 -0.46
C SER A 743 -26.02 10.94 -0.32
N LEU A 744 -26.64 11.41 -1.41
CA LEU A 744 -27.39 12.65 -1.40
C LEU A 744 -28.86 12.36 -1.07
N ILE A 745 -29.37 13.03 -0.04
CA ILE A 745 -30.76 12.83 0.38
C ILE A 745 -31.43 14.18 0.56
N LEU A 746 -32.76 14.17 0.46
CA LEU A 746 -33.61 15.32 0.71
C LEU A 746 -34.47 15.01 1.92
N ILE A 747 -34.31 15.80 2.98
CA ILE A 747 -35.00 15.53 4.24
C ILE A 747 -35.72 16.78 4.72
N GLN A 748 -36.74 16.56 5.54
CA GLN A 748 -37.48 17.64 6.18
C GLN A 748 -38.10 17.12 7.46
N THR A 749 -37.84 17.82 8.56
CA THR A 749 -38.51 17.52 9.82
C THR A 749 -39.81 18.32 9.91
N LYS A 750 -40.62 17.97 10.90
CA LYS A 750 -41.90 18.65 11.08
C LYS A 750 -41.71 20.13 11.36
N ASP A 751 -40.59 20.51 11.97
CA ASP A 751 -40.32 21.91 12.30
C ASP A 751 -39.66 22.67 11.17
N MET A 752 -39.37 22.03 10.04
CA MET A 752 -38.80 22.70 8.88
C MET A 752 -39.91 23.04 7.89
N GLN A 753 -39.92 24.29 7.43
CA GLN A 753 -40.94 24.73 6.48
C GLN A 753 -40.70 24.20 5.08
N GLU A 754 -39.48 23.76 4.78
CA GLU A 754 -39.12 23.29 3.45
C GLU A 754 -38.05 22.22 3.57
N PRO A 755 -38.02 21.24 2.67
CA PRO A 755 -36.97 20.23 2.71
C PRO A 755 -35.62 20.81 2.32
N GLU A 756 -34.56 20.05 2.63
CA GLU A 756 -33.20 20.48 2.33
C GLU A 756 -32.40 19.31 1.79
N PHE A 757 -31.62 19.58 0.74
CA PHE A 757 -30.64 18.62 0.25
C PHE A 757 -29.44 18.58 1.19
N VAL A 758 -29.13 17.40 1.70
CA VAL A 758 -27.98 17.20 2.57
C VAL A 758 -27.27 15.92 2.16
N TYR A 759 -26.01 15.81 2.55
CA TYR A 759 -25.25 14.58 2.37
C TYR A 759 -25.39 13.72 3.61
N TYR A 760 -25.80 12.46 3.41
CA TYR A 760 -25.82 11.50 4.49
C TYR A 760 -24.40 11.13 4.88
N ASN A 761 -24.10 11.16 6.18
CA ASN A 761 -22.77 10.83 6.67
C ASN A 761 -22.73 9.55 7.49
N ALA A 762 -23.72 9.32 8.34
CA ALA A 762 -23.72 8.14 9.20
C ALA A 762 -25.11 7.90 9.73
N PHE A 763 -25.36 6.65 10.10
CA PHE A 763 -26.55 6.24 10.82
C PHE A 763 -26.11 5.74 12.18
N THR A 764 -26.64 6.34 13.24
CA THR A 764 -26.25 5.99 14.61
C THR A 764 -27.27 5.01 15.16
N SER A 765 -26.83 3.75 15.35
CA SER A 765 -27.78 2.70 15.71
C SER A 765 -28.30 2.84 17.12
N SER A 766 -27.52 3.40 18.03
CA SER A 766 -27.99 3.55 19.40
C SER A 766 -29.14 4.54 19.50
N THR A 767 -29.13 5.60 18.68
CA THR A 767 -30.19 6.60 18.72
C THR A 767 -31.06 6.62 17.47
N VAL A 768 -30.87 5.67 16.55
CA VAL A 768 -31.69 5.54 15.34
C VAL A 768 -31.79 6.89 14.66
N SER A 769 -30.65 7.55 14.46
CA SER A 769 -30.63 8.93 13.97
C SER A 769 -29.55 9.08 12.90
N LEU A 770 -29.58 10.21 12.23
CA LEU A 770 -28.69 10.50 11.12
C LEU A 770 -27.70 11.59 11.50
N ILE A 771 -26.53 11.54 10.87
CA ILE A 771 -25.59 12.65 10.80
C ILE A 771 -25.56 13.10 9.35
N VAL A 772 -25.82 14.38 9.11
CA VAL A 772 -25.85 14.94 7.75
C VAL A 772 -25.03 16.22 7.73
N SER A 773 -24.65 16.63 6.53
CA SER A 773 -23.80 17.80 6.37
C SER A 773 -24.23 18.59 5.14
N LYS A 774 -23.85 19.86 5.13
CA LYS A 774 -24.17 20.74 4.01
C LYS A 774 -23.14 20.56 2.90
N HIS A 775 -23.60 20.64 1.65
CA HIS A 775 -22.76 20.26 0.51
C HIS A 775 -21.47 21.05 0.49
N ASP A 776 -21.55 22.37 0.65
CA ASP A 776 -20.37 23.23 0.56
C ASP A 776 -19.72 23.46 1.91
N ASN A 777 -20.34 23.02 3.00
CA ASN A 777 -19.84 23.25 4.36
C ASN A 777 -19.62 24.74 4.62
N LYS A 778 -20.48 25.57 4.04
CA LYS A 778 -20.38 27.02 4.15
C LYS A 778 -21.38 27.51 5.17
N PHE A 779 -20.88 28.17 6.22
CA PHE A 779 -21.70 28.64 7.32
C PHE A 779 -22.36 29.99 7.05
N GLU A 780 -21.79 30.80 6.17
CA GLU A 780 -22.24 32.18 6.02
C GLU A 780 -23.51 32.32 5.20
N THR A 781 -23.77 31.40 4.27
CA THR A 781 -24.96 31.45 3.44
C THR A 781 -26.16 30.77 4.08
N LEU A 782 -26.05 30.36 5.34
CA LEU A 782 -27.10 29.58 5.98
C LEU A 782 -28.42 30.32 6.00
N SER A 783 -29.43 29.74 5.36
CA SER A 783 -30.76 30.33 5.31
C SER A 783 -31.51 30.07 6.62
N LYS A 784 -32.65 30.74 6.75
CA LYS A 784 -33.49 30.54 7.94
C LYS A 784 -33.90 29.08 8.08
N ASN A 785 -34.34 28.46 6.99
CA ASN A 785 -34.77 27.07 7.04
C ASN A 785 -33.60 26.14 7.32
N GLN A 786 -32.41 26.47 6.82
CA GLN A 786 -31.25 25.62 7.07
C GLN A 786 -30.73 25.78 8.49
N LYS A 787 -30.95 26.94 9.11
CA LYS A 787 -30.55 27.11 10.51
C LYS A 787 -31.40 26.24 11.43
N ILE A 788 -32.62 25.92 11.02
CA ILE A 788 -33.45 24.99 11.80
C ILE A 788 -32.81 23.62 11.84
N LEU A 789 -32.37 23.13 10.67
CA LEU A 789 -31.76 21.82 10.59
C LEU A 789 -30.33 21.83 11.13
N PHE A 790 -29.55 22.85 10.80
CA PHE A 790 -28.16 22.95 11.24
C PHE A 790 -28.04 23.94 12.40
N LYS A 791 -28.76 23.63 13.49
CA LYS A 791 -28.83 24.51 14.64
C LYS A 791 -27.48 24.67 15.34
N ASN A 792 -26.55 23.74 15.15
CA ASN A 792 -25.27 23.77 15.83
C ASN A 792 -24.11 24.11 14.89
N ALA A 793 -24.40 24.69 13.73
CA ALA A 793 -23.37 25.01 12.77
C ALA A 793 -22.52 26.19 13.24
N ASN A 794 -21.27 26.20 12.80
CA ASN A 794 -20.34 27.27 13.12
C ASN A 794 -19.47 27.54 11.90
N GLU A 795 -18.53 28.48 12.04
CA GLU A 795 -17.71 28.91 10.92
C GLU A 795 -16.80 27.82 10.36
N LYS A 796 -16.64 26.69 11.05
CA LYS A 796 -15.70 25.66 10.61
C LYS A 796 -16.38 24.42 10.06
N GLU A 797 -17.64 24.16 10.38
CA GLU A 797 -18.32 22.97 9.88
C GLU A 797 -19.83 23.16 9.98
N VAL A 798 -20.55 22.67 8.97
CA VAL A 798 -22.01 22.70 8.96
C VAL A 798 -22.51 21.27 8.95
N ILE A 799 -22.65 20.69 10.14
CA ILE A 799 -23.02 19.29 10.29
C ILE A 799 -24.14 19.21 11.31
N ALA A 800 -25.16 18.41 11.01
CA ALA A 800 -26.28 18.18 11.91
C ALA A 800 -26.25 16.73 12.34
N LYS A 801 -26.15 16.50 13.65
CA LYS A 801 -26.03 15.16 14.22
C LYS A 801 -27.29 14.81 14.99
N SER A 802 -27.58 13.50 15.06
CA SER A 802 -28.68 12.97 15.87
C SER A 802 -30.04 13.46 15.39
N ILE A 803 -30.27 13.36 14.08
CA ILE A 803 -31.56 13.69 13.47
C ILE A 803 -32.38 12.41 13.37
N GLY A 804 -33.48 12.35 14.11
CA GLY A 804 -34.33 11.17 14.07
C GLY A 804 -34.93 10.94 12.70
N ILE A 805 -35.00 9.66 12.30
CA ILE A 805 -35.54 9.30 11.00
C ILE A 805 -37.01 8.88 11.06
N GLN A 806 -37.47 8.39 12.22
CA GLN A 806 -38.76 7.70 12.25
C GLN A 806 -39.91 8.61 11.82
N ASN A 807 -39.89 9.87 12.24
CA ASN A 807 -40.99 10.79 11.98
C ASN A 807 -40.62 11.87 10.98
N LEU A 808 -39.63 11.63 10.14
CA LEU A 808 -39.27 12.59 9.11
C LEU A 808 -40.45 12.82 8.17
N LYS A 809 -40.71 14.08 7.84
CA LYS A 809 -41.81 14.40 6.94
C LYS A 809 -41.42 14.10 5.49
N VAL A 810 -40.16 14.34 5.14
CA VAL A 810 -39.63 14.03 3.81
C VAL A 810 -38.32 13.27 3.99
N PHE A 811 -38.16 12.18 3.24
CA PHE A 811 -36.94 11.37 3.31
C PHE A 811 -36.80 10.68 1.95
N GLU A 812 -36.07 11.33 1.04
CA GLU A 812 -35.96 10.89 -0.34
C GLU A 812 -34.49 10.83 -0.75
N LYS A 813 -34.17 9.91 -1.65
CA LYS A 813 -32.81 9.72 -2.13
C LYS A 813 -32.63 10.41 -3.47
N TYR A 814 -31.48 11.07 -3.64
CA TYR A 814 -31.11 11.70 -4.89
C TYR A 814 -29.72 11.23 -5.30
N ILE A 815 -29.30 11.65 -6.49
CA ILE A 815 -28.02 11.24 -7.07
C ILE A 815 -27.30 12.48 -7.60
N VAL A 816 -26.03 12.63 -7.25
CA VAL A 816 -25.19 13.73 -7.74
C VAL A 816 -24.32 13.20 -8.87
N SER A 817 -24.25 13.96 -9.96
CA SER A 817 -23.27 13.69 -10.99
C SER A 817 -21.91 14.23 -10.56
N ALA A 818 -20.88 13.96 -11.36
CA ALA A 818 -19.55 14.45 -11.02
C ALA A 818 -19.43 15.97 -11.17
N LEU A 819 -20.36 16.60 -11.89
CA LEU A 819 -20.35 18.03 -12.12
C LEU A 819 -21.28 18.79 -11.19
N GLY A 820 -21.91 18.11 -10.24
CA GLY A 820 -22.82 18.77 -9.32
C GLY A 820 -24.28 18.76 -9.72
N GLU A 821 -24.65 18.02 -10.76
CA GLU A 821 -26.04 17.93 -11.16
C GLU A 821 -26.79 16.97 -10.24
N VAL A 822 -27.97 17.38 -9.79
CA VAL A 822 -28.75 16.62 -8.82
C VAL A 822 -29.95 16.01 -9.55
N THR A 823 -30.07 14.70 -9.45
CA THR A 823 -31.15 13.96 -10.09
C THR A 823 -31.86 13.09 -9.06
N LYS A 824 -33.18 13.07 -9.13
CA LYS A 824 -33.95 12.20 -8.24
C LYS A 824 -33.61 10.74 -8.52
N ALA A 825 -33.36 9.99 -7.46
CA ALA A 825 -32.98 8.59 -7.60
C ALA A 825 -34.21 7.77 -7.96
N GLU A 826 -34.21 7.19 -9.16
CA GLU A 826 -35.26 6.26 -9.53
C GLU A 826 -35.24 5.05 -8.60
N PHE A 827 -36.40 4.43 -8.43
CA PHE A 827 -36.50 3.29 -7.52
C PHE A 827 -35.69 2.12 -8.04
N ARG A 828 -34.84 1.56 -7.18
CA ARG A 828 -34.11 0.34 -7.46
C ARG A 828 -34.38 -0.63 -6.32
N GLN A 829 -34.68 -1.89 -6.67
CA GLN A 829 -35.00 -2.87 -5.64
C GLN A 829 -33.78 -3.13 -4.76
N ARG A 830 -34.04 -3.67 -3.57
CA ARG A 830 -32.98 -3.87 -2.59
C ARG A 830 -31.93 -4.82 -3.13
N GLU A 831 -30.67 -4.39 -3.09
CA GLU A 831 -29.58 -5.21 -3.61
C GLU A 831 -29.22 -6.29 -2.59
N ASP A 832 -29.27 -7.54 -3.04
CA ASP A 832 -29.02 -8.70 -2.20
C ASP A 832 -27.53 -9.02 -2.16
N PHE A 833 -27.18 -9.94 -1.26
CA PHE A 833 -25.87 -10.57 -1.24
C PHE A 833 -25.97 -11.93 -1.94
N LYS A 834 -24.93 -12.30 -2.67
CA LYS A 834 -24.95 -13.53 -3.46
C LYS A 834 -24.24 -14.66 -2.70
N LYS A 835 -24.76 -15.87 -2.89
CA LYS A 835 -24.21 -17.07 -2.26
C LYS A 835 -24.18 -16.97 -0.74
C1 EDO E . 2.77 -9.26 12.59
O1 EDO E . 4.00 -9.83 12.11
C2 EDO E . 2.01 -10.29 13.42
O2 EDO E . 2.86 -10.83 14.42
#